data_7QNW
#
_entry.id   7QNW
#
_cell.length_a   131.966
_cell.length_b   131.966
_cell.length_c   117.338
_cell.angle_alpha   90.000
_cell.angle_beta   90.000
_cell.angle_gamma   120.000
#
_symmetry.space_group_name_H-M   'P 32 2 1'
#
loop_
_entity.id
_entity.type
_entity.pdbx_description
1 polymer 'EY6A heavy chain'
2 polymer 'EY6A light chain'
3 polymer 'Surface glycoprotein'
4 polymer 'Beta-55 heavy chain'
5 polymer 'Beta-55 light chain'
6 branched 2-acetamido-2-deoxy-beta-D-glucopyranose-(1-4)-2-acetamido-2-deoxy-beta-D-glucopyranose
7 non-polymer GLYCEROL
8 non-polymer 'ACETATE ION'
9 non-polymer 'CHLORIDE ION'
10 water water
#
loop_
_entity_poly.entity_id
_entity_poly.type
_entity_poly.pdbx_seq_one_letter_code
_entity_poly.pdbx_strand_id
1 'polypeptide(L)'
;EVQLVESGGGVVQPGRSLRLSCAASAFTFSSYDMHWVRQAPGKGLEWVAVISYDGSNKYYADSVKGRFTISRDNSKNTLY
LQMNSLRAEDTAVYYCAKDGGKLWVYYFDYWGQGTLVTVSSASTKGPSVFPLAPSSKSTSGGTAALGCLVKDYFPEPVTV
SWNSGALTSGVHTFPAVLQSSGLYSLSSVVTVPSSSLGTQTYICNVNHKPSNTKVDKRVEPKSCDK
;
H
2 'polypeptide(L)'
;DIQMTQSPSSLSASVGDRVTITCRASQSISSYLNWYQQKPGKAPKLLIYAASSLQSGVPSRFSGSGSGTDFTLTISSLQP
EDFATYYCQQSYSTLALTFGGGTKVEIKRTVAAPSVFIFPPSDEQLKSGTASVVCLLNNFYPREAKVQWKVDNALQSGNS
QESVTEQDSKDSTYSLSSTLTLSKADYEKHKVYACEVTHQGLSSPVTKSFNRGEC
;
L
3 'polypeptide(L)'
;HHHHHHTNLCPFDEVFNATRFASVYAWNRKRISNCVADYSVLYNLAPFFTFKCYGVSPTKLNDLCFTNVYADSFVIRGDE
VRQIAPGQTGNIADYNYKLPDDFTGCVIAWNSNKLDSKVSGNYNYLYRLFRKSNLKPFERDISTEIYQAGNKPCNGVAGF
NCYFPLRSYSFRPTYGVGHQPYRVVVLSFELLHAPATVCGKK
;
E
4 'polypeptide(L)'
;QVQLQESGPGLVKPSETLSLTCTVSGDSISSSRYYWGWIRQPPGKGLEWIGTFYYSGITYYNPSLKSRVTIFVDTSKNQF
SLKLSSVTAADTAVYYCARPRPPDYYDNSGALLFDIWGQGTMVTVSSASTKGPSVFPLAPSSKSTSGGTAALGCLVKDYF
PEPVTVSWNSGALTSGVHTFPAVLQSSGLYSLSSVVTVPSSSLGTQTYICNVNHKPSNTKVDKKVEPKSCDK
;
A
5 'polypeptide(L)'
;AIRMTQSPSTLSASVGDRVTIACRASQSISAWLAWYQQKPGKAPKLLIYKASSLESGVPSRFSGSGSGTEFTLTINSLQP
DDFATYYCQQYISSSPWTFGQGTKVEIKRTVAAPSVFIFPPSDEQLKSGTASVVCLLNNFYPREAKVQWKVDNALQSGNS
QESVTEQDSKDSTYSLSSTLTLSKADYEKHKVYACEVTHQGLSSPVTKSFNRGEC
;
B
#
# COMPACT_ATOMS: atom_id res chain seq x y z
N GLU A 1 -23.54 39.46 12.08
CA GLU A 1 -22.68 40.50 11.53
C GLU A 1 -21.39 39.92 10.95
N VAL A 2 -20.91 38.82 11.55
CA VAL A 2 -19.71 38.17 11.07
C VAL A 2 -19.89 37.73 9.63
N GLN A 3 -18.86 37.98 8.82
CA GLN A 3 -18.89 37.67 7.39
C GLN A 3 -17.72 36.76 7.04
N LEU A 4 -18.01 35.63 6.41
CA LEU A 4 -17.01 34.69 5.95
C LEU A 4 -17.33 34.30 4.51
N VAL A 5 -16.38 34.52 3.61
CA VAL A 5 -16.58 34.29 2.18
C VAL A 5 -15.45 33.40 1.69
N GLU A 6 -15.78 32.19 1.24
CA GLU A 6 -14.80 31.27 0.69
C GLU A 6 -14.66 31.47 -0.81
N SER A 7 -13.56 30.95 -1.35
CA SER A 7 -13.28 30.98 -2.78
C SER A 7 -12.15 30.00 -3.05
N GLY A 8 -11.91 29.73 -4.33
CA GLY A 8 -10.84 28.86 -4.75
C GLY A 8 -11.25 27.42 -5.02
N GLY A 9 -12.51 27.06 -4.79
CA GLY A 9 -12.95 25.71 -5.07
C GLY A 9 -13.14 25.44 -6.55
N GLY A 10 -13.15 24.16 -6.90
CA GLY A 10 -13.32 23.78 -8.29
C GLY A 10 -13.07 22.29 -8.48
N VAL A 11 -12.61 21.95 -9.69
CA VAL A 11 -12.35 20.57 -10.07
C VAL A 11 -10.85 20.34 -10.08
N VAL A 12 -10.44 19.14 -9.69
CA VAL A 12 -9.03 18.80 -9.55
C VAL A 12 -8.88 17.30 -9.78
N GLN A 13 -7.79 16.92 -10.46
CA GLN A 13 -7.52 15.52 -10.71
C GLN A 13 -6.91 14.86 -9.49
N PRO A 14 -7.05 13.54 -9.36
CA PRO A 14 -6.47 12.84 -8.19
C PRO A 14 -4.95 13.02 -8.14
N GLY A 15 -4.45 13.31 -6.94
CA GLY A 15 -3.04 13.52 -6.72
C GLY A 15 -2.57 14.96 -6.87
N ARG A 16 -3.35 15.81 -7.52
CA ARG A 16 -2.97 17.20 -7.73
C ARG A 16 -3.14 17.97 -6.42
N SER A 17 -3.09 19.30 -6.51
CA SER A 17 -3.19 20.15 -5.34
C SER A 17 -4.14 21.31 -5.62
N LEU A 18 -4.82 21.76 -4.57
CA LEU A 18 -5.74 22.88 -4.66
C LEU A 18 -5.66 23.70 -3.38
N ARG A 19 -5.85 25.01 -3.52
CA ARG A 19 -5.72 25.95 -2.40
C ARG A 19 -7.01 26.76 -2.27
N LEU A 20 -7.54 26.83 -1.06
CA LEU A 20 -8.76 27.56 -0.76
C LEU A 20 -8.43 28.82 0.04
N SER A 21 -9.39 29.75 0.07
CA SER A 21 -9.24 30.99 0.80
C SER A 21 -10.55 31.33 1.49
N CYS A 22 -10.46 32.19 2.51
CA CYS A 22 -11.61 32.53 3.35
C CYS A 22 -11.38 33.94 3.90
N ALA A 23 -12.06 34.92 3.30
CA ALA A 23 -11.92 36.32 3.72
C ALA A 23 -12.92 36.63 4.81
N ALA A 24 -12.43 37.13 5.94
CA ALA A 24 -13.25 37.39 7.12
C ALA A 24 -13.46 38.89 7.31
N SER A 25 -14.57 39.24 7.96
CA SER A 25 -14.91 40.63 8.21
C SER A 25 -15.76 40.73 9.46
N ALA A 26 -15.83 41.96 10.00
CA ALA A 26 -16.75 42.31 11.09
C ALA A 26 -16.42 41.59 12.40
N PHE A 27 -15.17 41.22 12.60
CA PHE A 27 -14.71 40.73 13.91
C PHE A 27 -13.20 40.76 13.93
N THR A 28 -12.64 40.84 15.14
CA THR A 28 -11.19 40.84 15.30
C THR A 28 -10.63 39.49 14.89
N PHE A 29 -10.26 39.38 13.60
CA PHE A 29 -9.84 38.10 13.05
C PHE A 29 -8.58 37.56 13.71
N SER A 30 -7.69 38.44 14.14
CA SER A 30 -6.38 38.03 14.65
C SER A 30 -6.43 37.53 16.09
N SER A 31 -7.60 37.51 16.73
CA SER A 31 -7.71 37.06 18.12
C SER A 31 -8.66 35.87 18.26
N TYR A 32 -8.95 35.17 17.16
CA TYR A 32 -9.82 34.01 17.18
C TYR A 32 -9.19 32.89 16.38
N ASP A 33 -9.30 31.66 16.89
CA ASP A 33 -8.91 30.49 16.12
C ASP A 33 -9.88 30.29 14.96
N MET A 34 -9.35 29.78 13.86
CA MET A 34 -10.15 29.52 12.67
C MET A 34 -10.15 28.05 12.35
N HIS A 35 -11.26 27.57 11.77
CA HIS A 35 -11.45 26.16 11.48
C HIS A 35 -11.75 25.96 9.99
N TRP A 36 -11.55 24.72 9.55
CA TRP A 36 -12.06 24.23 8.28
C TRP A 36 -12.90 23.00 8.55
N VAL A 37 -14.12 22.98 7.98
CA VAL A 37 -15.01 21.82 8.08
C VAL A 37 -15.53 21.52 6.69
N ARG A 38 -15.48 20.24 6.31
CA ARG A 38 -15.98 19.82 5.00
C ARG A 38 -17.21 18.94 5.19
N GLN A 39 -17.97 18.79 4.10
CA GLN A 39 -19.20 18.02 4.11
C GLN A 39 -19.37 17.37 2.74
N ALA A 40 -19.30 16.04 2.70
CA ALA A 40 -19.46 15.33 1.44
C ALA A 40 -20.91 15.44 0.97
N PRO A 41 -21.14 15.36 -0.34
CA PRO A 41 -22.52 15.43 -0.86
C PRO A 41 -23.39 14.32 -0.28
N GLY A 42 -24.43 14.73 0.43
CA GLY A 42 -25.35 13.79 1.05
C GLY A 42 -24.87 13.16 2.34
N LYS A 43 -23.72 13.59 2.85
CA LYS A 43 -23.14 13.04 4.07
C LYS A 43 -23.16 14.09 5.17
N GLY A 44 -22.56 13.75 6.31
CA GLY A 44 -22.50 14.64 7.46
C GLY A 44 -21.32 15.57 7.41
N LEU A 45 -21.02 16.16 8.57
CA LEU A 45 -19.95 17.14 8.71
C LEU A 45 -18.71 16.48 9.30
N GLU A 46 -17.55 16.91 8.82
CA GLU A 46 -16.27 16.37 9.27
C GLU A 46 -15.29 17.52 9.48
N TRP A 47 -14.84 17.69 10.72
CA TRP A 47 -13.83 18.71 11.01
C TRP A 47 -12.52 18.37 10.31
N VAL A 48 -11.85 19.41 9.79
CA VAL A 48 -10.66 19.24 8.97
C VAL A 48 -9.41 19.73 9.70
N ALA A 49 -9.38 21.00 10.10
CA ALA A 49 -8.18 21.57 10.69
C ALA A 49 -8.52 22.83 11.47
N VAL A 50 -7.57 23.26 12.29
CA VAL A 50 -7.68 24.48 13.10
C VAL A 50 -6.32 25.15 13.15
N ILE A 51 -6.32 26.47 13.21
CA ILE A 51 -5.10 27.26 13.36
C ILE A 51 -5.30 28.26 14.49
N SER A 52 -4.24 28.50 15.25
CA SER A 52 -4.30 29.43 16.37
C SER A 52 -4.53 30.85 15.87
N TYR A 53 -4.87 31.75 16.81
CA TYR A 53 -5.19 33.12 16.46
C TYR A 53 -4.02 33.82 15.78
N ASP A 54 -2.80 33.56 16.25
CA ASP A 54 -1.60 34.16 15.67
C ASP A 54 -1.03 33.36 14.51
N GLY A 55 -1.47 32.11 14.33
CA GLY A 55 -1.00 31.30 13.23
C GLY A 55 0.22 30.46 13.52
N SER A 56 0.55 30.24 14.80
CA SER A 56 1.73 29.49 15.17
C SER A 56 1.46 28.00 15.44
N ASN A 57 0.24 27.64 15.80
CA ASN A 57 -0.12 26.26 16.09
C ASN A 57 -1.19 25.81 15.10
N LYS A 58 -0.98 24.62 14.52
CA LYS A 58 -1.91 24.05 13.56
C LYS A 58 -2.11 22.58 13.89
N TYR A 59 -3.36 22.11 13.76
CA TYR A 59 -3.69 20.73 14.05
C TYR A 59 -4.73 20.25 13.06
N TYR A 60 -4.61 18.99 12.63
CA TYR A 60 -5.39 18.46 11.53
C TYR A 60 -6.09 17.17 11.95
N ALA A 61 -7.20 16.89 11.29
CA ALA A 61 -7.84 15.59 11.44
C ALA A 61 -6.97 14.52 10.80
N ASP A 62 -7.10 13.29 11.32
CA ASP A 62 -6.25 12.20 10.83
C ASP A 62 -6.50 11.90 9.36
N SER A 63 -7.72 12.14 8.86
CA SER A 63 -8.03 11.83 7.47
C SER A 63 -7.31 12.76 6.50
N VAL A 64 -6.78 13.89 6.98
CA VAL A 64 -6.08 14.85 6.13
C VAL A 64 -4.68 15.16 6.62
N LYS A 65 -4.24 14.56 7.73
CA LYS A 65 -2.94 14.89 8.31
C LYS A 65 -1.82 14.51 7.36
N GLY A 66 -0.81 15.38 7.30
CA GLY A 66 0.36 15.15 6.48
C GLY A 66 0.03 15.30 5.01
N ARG A 67 -1.15 15.82 4.73
CA ARG A 67 -1.70 15.98 3.40
C ARG A 67 -2.24 17.39 3.15
N PHE A 68 -2.96 17.96 4.10
CA PHE A 68 -3.45 19.34 4.00
C PHE A 68 -2.59 20.25 4.88
N THR A 69 -2.67 21.55 4.60
CA THR A 69 -1.92 22.55 5.37
C THR A 69 -2.75 23.82 5.49
N ILE A 70 -2.87 24.33 6.71
CA ILE A 70 -3.69 25.49 7.00
C ILE A 70 -2.79 26.66 7.37
N SER A 71 -3.19 27.86 6.95
CA SER A 71 -2.43 29.07 7.26
C SER A 71 -3.39 30.25 7.27
N ARG A 72 -2.89 31.39 7.77
CA ARG A 72 -3.70 32.59 7.87
C ARG A 72 -2.80 33.81 7.74
N ASP A 73 -3.37 34.88 7.18
CA ASP A 73 -2.70 36.17 7.06
C ASP A 73 -3.55 37.19 7.81
N ASN A 74 -3.10 37.56 9.01
CA ASN A 74 -3.87 38.48 9.85
C ASN A 74 -3.84 39.91 9.36
N SER A 75 -2.98 40.23 8.38
CA SER A 75 -3.01 41.55 7.78
C SER A 75 -4.07 41.68 6.69
N LYS A 76 -4.49 40.55 6.10
CA LYS A 76 -5.55 40.54 5.10
C LYS A 76 -6.85 39.96 5.63
N ASN A 77 -6.86 39.41 6.84
CA ASN A 77 -8.03 38.74 7.41
C ASN A 77 -8.50 37.59 6.51
N THR A 78 -7.56 36.80 6.01
CA THR A 78 -7.85 35.70 5.12
C THR A 78 -7.28 34.41 5.68
N LEU A 79 -8.07 33.33 5.60
CA LEU A 79 -7.67 32.00 5.99
C LEU A 79 -7.38 31.17 4.75
N TYR A 80 -6.43 30.25 4.85
CA TYR A 80 -6.03 29.42 3.72
C TYR A 80 -6.05 27.96 4.10
N LEU A 81 -6.20 27.10 3.09
CA LEU A 81 -6.10 25.65 3.26
C LEU A 81 -5.44 25.08 2.01
N GLN A 82 -4.16 24.75 2.12
CA GLN A 82 -3.44 24.11 1.02
C GLN A 82 -3.72 22.61 1.04
N MET A 83 -4.36 22.13 -0.02
CA MET A 83 -4.77 20.73 -0.11
C MET A 83 -3.92 20.05 -1.17
N ASN A 84 -2.99 19.21 -0.74
CA ASN A 84 -2.14 18.43 -1.63
C ASN A 84 -2.58 16.97 -1.63
N SER A 85 -2.28 16.27 -2.72
CA SER A 85 -2.58 14.85 -2.88
C SER A 85 -4.06 14.56 -2.59
N LEU A 86 -4.91 15.10 -3.46
CA LEU A 86 -6.35 15.04 -3.26
C LEU A 86 -6.89 13.71 -3.78
N ARG A 87 -7.58 12.98 -2.90
CA ARG A 87 -8.22 11.73 -3.27
C ARG A 87 -9.69 11.97 -3.61
N ALA A 88 -10.33 10.94 -4.16
CA ALA A 88 -11.76 11.03 -4.45
C ALA A 88 -12.57 11.21 -3.18
N GLU A 89 -12.09 10.66 -2.05
CA GLU A 89 -12.78 10.82 -0.78
C GLU A 89 -12.72 12.25 -0.25
N ASP A 90 -11.94 13.13 -0.88
CA ASP A 90 -11.84 14.52 -0.49
C ASP A 90 -12.89 15.41 -1.14
N THR A 91 -13.71 14.86 -2.04
CA THR A 91 -14.74 15.65 -2.72
C THR A 91 -15.81 16.05 -1.71
N ALA A 92 -15.93 17.35 -1.45
CA ALA A 92 -16.87 17.86 -0.46
C ALA A 92 -16.96 19.37 -0.61
N VAL A 93 -17.97 19.94 0.06
CA VAL A 93 -18.07 21.39 0.23
C VAL A 93 -17.28 21.77 1.47
N TYR A 94 -16.36 22.73 1.32
CA TYR A 94 -15.44 23.10 2.38
C TYR A 94 -15.85 24.43 2.99
N TYR A 95 -16.17 24.41 4.29
CA TYR A 95 -16.53 25.60 5.03
C TYR A 95 -15.37 26.03 5.91
N CYS A 96 -15.21 27.34 6.06
CA CYS A 96 -14.37 27.92 7.12
C CYS A 96 -15.27 28.44 8.22
N ALA A 97 -14.90 28.16 9.47
CA ALA A 97 -15.73 28.49 10.61
C ALA A 97 -14.91 29.23 11.65
N LYS A 98 -15.52 30.25 12.26
CA LYS A 98 -14.90 30.99 13.34
C LYS A 98 -15.11 30.24 14.66
N ASP A 99 -14.10 30.27 15.52
CA ASP A 99 -14.24 29.72 16.85
C ASP A 99 -14.91 30.73 17.76
N GLY A 100 -15.84 30.25 18.59
CA GLY A 100 -16.54 31.14 19.50
C GLY A 100 -15.61 31.76 20.53
N GLY A 101 -14.64 30.99 21.01
CA GLY A 101 -13.65 31.49 21.94
C GLY A 101 -14.12 31.66 23.37
N LYS A 102 -15.39 31.41 23.66
CA LYS A 102 -15.94 31.59 25.00
C LYS A 102 -15.76 30.34 25.87
N LEU A 103 -15.16 29.28 25.34
CA LEU A 103 -14.98 28.05 26.08
C LEU A 103 -13.51 27.65 26.04
N TRP A 104 -13.12 26.76 26.97
CA TRP A 104 -11.80 26.16 26.95
C TRP A 104 -11.59 25.24 25.75
N VAL A 105 -12.67 24.87 25.05
CA VAL A 105 -12.60 23.95 23.92
C VAL A 105 -13.07 24.68 22.67
N TYR A 106 -12.94 24.00 21.53
CA TYR A 106 -13.31 24.57 20.24
C TYR A 106 -14.80 24.43 19.98
N TYR A 107 -15.37 25.41 19.28
CA TYR A 107 -16.72 25.28 18.74
C TYR A 107 -16.91 26.35 17.68
N PHE A 108 -17.73 26.02 16.68
CA PHE A 108 -17.94 26.87 15.51
C PHE A 108 -19.20 27.70 15.69
N ASP A 109 -19.05 29.02 15.72
CA ASP A 109 -20.18 29.91 15.94
C ASP A 109 -20.65 30.62 14.67
N TYR A 110 -19.80 30.73 13.65
CA TYR A 110 -20.20 31.32 12.38
C TYR A 110 -19.51 30.56 11.26
N TRP A 111 -20.29 30.22 10.22
CA TRP A 111 -19.81 29.45 9.09
C TRP A 111 -19.94 30.29 7.82
N GLY A 112 -19.01 30.08 6.89
CA GLY A 112 -19.17 30.61 5.56
C GLY A 112 -20.05 29.71 4.70
N GLN A 113 -20.46 30.23 3.56
CA GLN A 113 -21.33 29.45 2.68
C GLN A 113 -20.61 28.32 1.98
N GLY A 114 -19.28 28.23 2.10
CA GLY A 114 -18.53 27.11 1.59
C GLY A 114 -18.33 27.17 0.09
N THR A 115 -17.39 26.34 -0.37
CA THR A 115 -17.08 26.23 -1.78
C THR A 115 -16.89 24.76 -2.13
N LEU A 116 -17.35 24.38 -3.32
CA LEU A 116 -17.32 22.98 -3.73
C LEU A 116 -15.96 22.59 -4.29
N VAL A 117 -15.47 21.43 -3.88
CA VAL A 117 -14.21 20.87 -4.37
C VAL A 117 -14.53 19.48 -4.92
N THR A 118 -14.39 19.31 -6.23
CA THR A 118 -14.67 18.05 -6.90
C THR A 118 -13.36 17.41 -7.34
N VAL A 119 -13.05 16.26 -6.78
CA VAL A 119 -11.84 15.52 -7.11
C VAL A 119 -12.23 14.34 -7.99
N SER A 120 -11.91 14.43 -9.28
CA SER A 120 -12.19 13.35 -10.21
C SER A 120 -11.23 13.46 -11.39
N SER A 121 -11.10 12.36 -12.13
CA SER A 121 -10.21 12.28 -13.28
C SER A 121 -10.92 12.49 -14.60
N ALA A 122 -12.06 13.19 -14.58
CA ALA A 122 -12.84 13.45 -15.78
C ALA A 122 -12.76 14.93 -16.13
N SER A 123 -12.61 15.21 -17.42
CA SER A 123 -12.61 16.58 -17.90
C SER A 123 -14.03 17.06 -18.18
N THR A 124 -14.19 18.37 -18.26
CA THR A 124 -15.51 18.98 -18.40
C THR A 124 -16.17 18.60 -19.72
N LYS A 125 -17.23 17.79 -19.64
CA LYS A 125 -17.98 17.34 -20.80
C LYS A 125 -19.43 17.79 -20.71
N GLY A 126 -19.97 18.27 -21.82
CA GLY A 126 -21.34 18.69 -21.88
C GLY A 126 -22.32 17.54 -21.76
N PRO A 127 -23.56 17.84 -21.38
CA PRO A 127 -24.55 16.79 -21.18
C PRO A 127 -25.20 16.35 -22.48
N SER A 128 -25.78 15.16 -22.44
CA SER A 128 -26.65 14.65 -23.48
C SER A 128 -28.07 14.65 -22.94
N VAL A 129 -28.97 15.37 -23.60
CA VAL A 129 -30.33 15.58 -23.13
C VAL A 129 -31.25 14.66 -23.91
N PHE A 130 -31.84 13.68 -23.22
CA PHE A 130 -32.74 12.69 -23.79
C PHE A 130 -34.16 12.87 -23.27
N PRO A 131 -35.16 12.78 -24.13
CA PRO A 131 -36.54 12.99 -23.70
C PRO A 131 -37.13 11.77 -23.01
N LEU A 132 -38.17 12.03 -22.21
CA LEU A 132 -38.92 11.01 -21.48
C LEU A 132 -40.40 11.19 -21.81
N ALA A 133 -40.82 10.63 -22.94
CA ALA A 133 -42.17 10.82 -23.44
C ALA A 133 -43.18 10.02 -22.64
N PRO A 134 -44.41 10.52 -22.51
CA PRO A 134 -45.44 9.79 -21.77
C PRO A 134 -46.08 8.68 -22.59
N SER A 135 -46.66 7.73 -21.88
CA SER A 135 -47.30 6.58 -22.51
C SER A 135 -48.83 6.69 -22.42
N GLY A 142 -56.14 11.09 -13.14
CA GLY A 142 -55.69 10.58 -14.42
C GLY A 142 -54.95 11.60 -15.25
N THR A 143 -53.74 11.93 -14.82
CA THR A 143 -52.87 12.88 -15.52
C THR A 143 -51.67 12.13 -16.10
N ALA A 144 -50.84 12.87 -16.84
CA ALA A 144 -49.68 12.31 -17.49
C ALA A 144 -48.40 12.92 -16.92
N ALA A 145 -47.27 12.28 -17.20
CA ALA A 145 -45.98 12.73 -16.72
C ALA A 145 -44.97 12.65 -17.85
N LEU A 146 -44.08 13.64 -17.91
CA LEU A 146 -43.03 13.68 -18.91
C LEU A 146 -41.86 14.47 -18.35
N GLY A 147 -40.70 14.35 -18.99
CA GLY A 147 -39.53 15.06 -18.53
C GLY A 147 -38.33 14.84 -19.41
N CYS A 148 -37.16 15.20 -18.87
CA CYS A 148 -35.90 15.13 -19.58
C CYS A 148 -34.86 14.40 -18.74
N LEU A 149 -33.97 13.68 -19.42
CA LEU A 149 -32.89 12.94 -18.80
C LEU A 149 -31.56 13.58 -19.20
N VAL A 150 -30.90 14.22 -18.24
CA VAL A 150 -29.64 14.90 -18.47
C VAL A 150 -28.53 13.94 -18.06
N LYS A 151 -27.90 13.29 -19.05
CA LYS A 151 -26.99 12.19 -18.81
C LYS A 151 -25.59 12.53 -19.32
N ASP A 152 -24.58 12.03 -18.60
CA ASP A 152 -23.17 12.11 -18.98
C ASP A 152 -22.71 13.57 -19.11
N TYR A 153 -22.54 14.18 -17.95
CA TYR A 153 -21.97 15.52 -17.88
C TYR A 153 -21.07 15.62 -16.66
N PHE A 154 -20.07 16.50 -16.77
CA PHE A 154 -19.12 16.72 -15.70
C PHE A 154 -18.58 18.14 -15.84
N PRO A 155 -18.45 18.89 -14.73
CA PRO A 155 -18.93 18.49 -13.41
C PRO A 155 -20.28 19.10 -13.06
N GLU A 156 -20.67 19.02 -11.80
CA GLU A 156 -21.85 19.73 -11.33
C GLU A 156 -21.63 21.24 -11.46
N PRO A 157 -22.71 22.02 -11.59
CA PRO A 157 -24.11 21.60 -11.70
C PRO A 157 -24.70 21.82 -13.09
N VAL A 158 -25.98 21.50 -13.23
CA VAL A 158 -26.76 21.86 -14.41
C VAL A 158 -28.08 22.46 -13.93
N THR A 159 -28.53 23.49 -14.64
CA THR A 159 -29.80 24.16 -14.34
C THR A 159 -30.82 23.78 -15.40
N VAL A 160 -31.98 23.29 -14.95
CA VAL A 160 -33.04 22.84 -15.84
C VAL A 160 -34.29 23.65 -15.54
N SER A 161 -34.84 24.29 -16.57
CA SER A 161 -36.11 24.99 -16.48
C SER A 161 -37.02 24.51 -17.61
N TRP A 162 -38.31 24.73 -17.45
CA TRP A 162 -39.31 24.30 -18.42
C TRP A 162 -40.00 25.52 -19.02
N ASN A 163 -39.97 25.60 -20.35
CA ASN A 163 -40.59 26.71 -21.09
C ASN A 163 -40.05 28.06 -20.64
N SER A 164 -38.74 28.11 -20.37
CA SER A 164 -38.06 29.33 -19.95
C SER A 164 -38.70 29.91 -18.67
N GLY A 165 -38.90 29.04 -17.68
CA GLY A 165 -39.47 29.43 -16.42
C GLY A 165 -40.97 29.65 -16.41
N ALA A 166 -41.63 29.59 -17.57
CA ALA A 166 -43.07 29.77 -17.61
C ALA A 166 -43.80 28.61 -16.95
N LEU A 167 -43.22 27.42 -16.99
CA LEU A 167 -43.79 26.23 -16.36
C LEU A 167 -42.94 25.89 -15.14
N THR A 168 -43.52 26.07 -13.96
CA THR A 168 -42.85 25.73 -12.70
C THR A 168 -43.72 24.87 -11.80
N SER A 169 -45.03 25.07 -11.81
CA SER A 169 -45.92 24.27 -10.97
C SER A 169 -45.90 22.81 -11.41
N GLY A 170 -45.74 21.92 -10.45
CA GLY A 170 -45.70 20.50 -10.75
C GLY A 170 -44.42 20.03 -11.41
N VAL A 171 -43.32 20.75 -11.22
CA VAL A 171 -42.03 20.40 -11.81
C VAL A 171 -41.13 19.87 -10.70
N HIS A 172 -40.54 18.70 -10.93
CA HIS A 172 -39.58 18.10 -10.01
C HIS A 172 -38.26 17.90 -10.73
N THR A 173 -37.21 18.53 -10.22
CA THR A 173 -35.85 18.32 -10.69
C THR A 173 -35.07 17.60 -9.61
N PHE A 174 -34.55 16.43 -9.94
CA PHE A 174 -33.95 15.56 -8.94
C PHE A 174 -32.46 15.82 -8.79
N PRO A 175 -31.90 15.57 -7.61
CA PRO A 175 -30.45 15.63 -7.46
C PRO A 175 -29.76 14.63 -8.37
N ALA A 176 -28.62 15.02 -8.91
CA ALA A 176 -27.89 14.15 -9.83
C ALA A 176 -27.25 13.00 -9.07
N VAL A 177 -26.81 12.00 -9.83
CA VAL A 177 -26.09 10.85 -9.27
C VAL A 177 -24.76 10.74 -9.99
N LEU A 178 -23.78 10.14 -9.31
CA LEU A 178 -22.46 9.90 -9.85
C LEU A 178 -22.39 8.44 -10.30
N GLN A 179 -22.42 8.20 -11.60
CA GLN A 179 -22.39 6.85 -12.12
C GLN A 179 -20.96 6.33 -12.19
N SER A 180 -20.83 5.06 -12.57
CA SER A 180 -19.53 4.40 -12.55
C SER A 180 -18.55 5.03 -13.54
N SER A 181 -19.06 5.66 -14.60
CA SER A 181 -18.22 6.31 -15.59
C SER A 181 -17.60 7.60 -15.09
N GLY A 182 -17.76 7.96 -13.82
CA GLY A 182 -17.26 9.23 -13.33
C GLY A 182 -18.05 10.44 -13.75
N LEU A 183 -19.15 10.24 -14.47
CA LEU A 183 -19.99 11.34 -14.95
C LEU A 183 -21.23 11.47 -14.08
N TYR A 184 -22.03 12.49 -14.35
CA TYR A 184 -23.25 12.76 -13.60
C TYR A 184 -24.47 12.55 -14.48
N SER A 185 -25.55 12.06 -13.87
CA SER A 185 -26.81 11.84 -14.55
C SER A 185 -27.92 12.48 -13.73
N LEU A 186 -28.79 13.23 -14.40
CA LEU A 186 -29.83 14.00 -13.72
C LEU A 186 -31.14 13.87 -14.49
N SER A 187 -32.25 13.89 -13.74
CA SER A 187 -33.58 13.80 -14.29
C SER A 187 -34.40 15.02 -13.88
N SER A 188 -35.28 15.45 -14.78
CA SER A 188 -36.24 16.52 -14.50
C SER A 188 -37.57 16.11 -15.11
N VAL A 189 -38.64 16.20 -14.32
CA VAL A 189 -39.96 15.74 -14.73
C VAL A 189 -40.99 16.82 -14.42
N VAL A 190 -42.16 16.67 -15.02
CA VAL A 190 -43.29 17.58 -14.81
C VAL A 190 -44.57 16.83 -15.09
N THR A 191 -45.54 16.95 -14.18
CA THR A 191 -46.86 16.34 -14.35
C THR A 191 -47.81 17.37 -14.96
N VAL A 192 -48.30 17.08 -16.16
CA VAL A 192 -49.14 18.01 -16.90
C VAL A 192 -50.51 17.39 -17.06
N PRO A 193 -51.54 18.20 -17.31
CA PRO A 193 -52.87 17.65 -17.57
C PRO A 193 -52.85 16.71 -18.76
N SER A 194 -53.50 15.55 -18.60
CA SER A 194 -53.44 14.51 -19.62
C SER A 194 -54.19 14.92 -20.88
N SER A 195 -55.19 15.80 -20.76
CA SER A 195 -55.96 16.21 -21.93
C SER A 195 -55.10 17.03 -22.90
N SER A 196 -54.45 18.07 -22.40
CA SER A 196 -53.58 18.91 -23.23
C SER A 196 -52.19 18.27 -23.27
N LEU A 197 -52.08 17.21 -24.07
CA LEU A 197 -50.83 16.50 -24.25
C LEU A 197 -50.27 16.67 -25.66
N GLY A 198 -51.04 16.33 -26.68
CA GLY A 198 -50.63 16.53 -28.05
C GLY A 198 -50.96 17.91 -28.57
N THR A 199 -51.28 18.83 -27.65
CA THR A 199 -51.63 20.20 -27.99
C THR A 199 -50.77 21.25 -27.30
N GLN A 200 -50.07 20.92 -26.22
CA GLN A 200 -49.21 21.85 -25.51
C GLN A 200 -47.76 21.46 -25.74
N THR A 201 -46.89 22.46 -25.87
CA THR A 201 -45.47 22.25 -26.09
C THR A 201 -44.74 22.30 -24.75
N TYR A 202 -43.85 21.33 -24.52
CA TYR A 202 -43.02 21.28 -23.32
C TYR A 202 -41.57 21.15 -23.73
N ILE A 203 -40.76 22.14 -23.35
CA ILE A 203 -39.34 22.18 -23.69
C ILE A 203 -38.55 22.41 -22.42
N CYS A 204 -37.72 21.44 -22.05
CA CYS A 204 -36.81 21.61 -20.92
C CYS A 204 -35.58 22.38 -21.38
N ASN A 205 -35.12 23.30 -20.54
CA ASN A 205 -33.97 24.15 -20.86
C ASN A 205 -32.81 23.72 -19.96
N VAL A 206 -31.87 22.98 -20.53
CA VAL A 206 -30.71 22.47 -19.81
C VAL A 206 -29.53 23.39 -20.08
N ASN A 207 -28.86 23.82 -19.00
CA ASN A 207 -27.70 24.70 -19.11
C ASN A 207 -26.57 24.10 -18.29
N HIS A 208 -25.42 23.88 -18.93
CA HIS A 208 -24.22 23.38 -18.26
C HIS A 208 -23.16 24.46 -18.36
N LYS A 209 -23.05 25.28 -17.32
CA LYS A 209 -22.07 26.37 -17.33
C LYS A 209 -20.63 25.91 -17.46
N PRO A 210 -20.16 24.85 -16.77
CA PRO A 210 -18.75 24.44 -16.93
C PRO A 210 -18.35 24.10 -18.36
N SER A 211 -19.30 23.69 -19.21
CA SER A 211 -19.01 23.39 -20.61
C SER A 211 -19.68 24.35 -21.58
N ASN A 212 -20.49 25.29 -21.08
CA ASN A 212 -21.24 26.23 -21.90
C ASN A 212 -22.08 25.49 -22.96
N THR A 213 -23.08 24.79 -22.45
CA THR A 213 -23.98 23.97 -23.26
C THR A 213 -25.41 24.29 -22.84
N LYS A 214 -26.10 25.12 -23.63
CA LYS A 214 -27.49 25.47 -23.39
C LYS A 214 -28.34 24.74 -24.44
N VAL A 215 -28.98 23.65 -24.02
CA VAL A 215 -29.74 22.79 -24.90
C VAL A 215 -31.23 22.95 -24.57
N ASP A 216 -32.05 23.06 -25.62
CA ASP A 216 -33.50 23.14 -25.49
C ASP A 216 -34.10 22.00 -26.31
N LYS A 217 -34.62 20.99 -25.63
CA LYS A 217 -35.17 19.80 -26.27
C LYS A 217 -36.68 19.75 -26.06
N ARG A 218 -37.42 19.59 -27.16
CA ARG A 218 -38.87 19.50 -27.09
C ARG A 218 -39.28 18.07 -26.76
N VAL A 219 -40.19 17.94 -25.79
CA VAL A 219 -40.69 16.64 -25.34
C VAL A 219 -42.11 16.48 -25.86
N GLU A 220 -42.35 15.39 -26.59
CA GLU A 220 -43.66 15.12 -27.17
C GLU A 220 -43.87 13.61 -27.19
N PRO A 221 -45.12 13.14 -27.00
CA PRO A 221 -45.41 11.71 -26.97
C PRO A 221 -45.12 11.02 -28.31
N ASP B 1 -12.17 7.61 17.73
CA ASP B 1 -12.93 8.83 17.91
C ASP B 1 -14.22 8.59 18.70
N ILE B 2 -14.70 9.64 19.37
CA ILE B 2 -15.96 9.54 20.08
C ILE B 2 -17.10 9.54 19.08
N GLN B 3 -17.96 8.52 19.15
CA GLN B 3 -19.11 8.42 18.26
C GLN B 3 -20.30 9.14 18.87
N MET B 4 -20.96 9.97 18.06
CA MET B 4 -22.17 10.68 18.46
C MET B 4 -23.34 10.10 17.70
N THR B 5 -24.32 9.56 18.43
CA THR B 5 -25.48 8.91 17.85
C THR B 5 -26.73 9.74 18.14
N GLN B 6 -27.42 10.15 17.08
CA GLN B 6 -28.63 10.95 17.20
C GLN B 6 -29.86 10.08 16.96
N SER B 7 -30.94 10.40 17.67
CA SER B 7 -32.20 9.69 17.51
C SER B 7 -33.33 10.66 17.79
N PRO B 8 -34.41 10.65 16.98
CA PRO B 8 -34.52 9.79 15.81
C PRO B 8 -33.70 10.32 14.63
N SER B 9 -33.49 9.47 13.62
CA SER B 9 -32.88 9.95 12.39
C SER B 9 -33.77 10.96 11.69
N SER B 10 -35.09 10.81 11.83
CA SER B 10 -36.05 11.72 11.23
C SER B 10 -37.31 11.70 12.08
N LEU B 11 -37.97 12.84 12.18
CA LEU B 11 -39.24 12.94 12.90
C LEU B 11 -40.12 13.94 12.19
N SER B 12 -41.42 13.65 12.17
CA SER B 12 -42.40 14.52 11.55
C SER B 12 -43.14 15.31 12.63
N ALA B 13 -43.40 16.59 12.36
CA ALA B 13 -44.09 17.45 13.29
C ALA B 13 -44.82 18.54 12.53
N SER B 14 -45.65 19.28 13.24
CA SER B 14 -46.40 20.39 12.67
C SER B 14 -46.13 21.66 13.45
N VAL B 15 -46.46 22.79 12.84
CA VAL B 15 -46.22 24.08 13.48
C VAL B 15 -46.96 24.14 14.81
N GLY B 16 -46.24 24.51 15.85
CA GLY B 16 -46.77 24.58 17.20
C GLY B 16 -46.39 23.42 18.08
N ASP B 17 -45.90 22.32 17.49
CA ASP B 17 -45.53 21.14 18.27
C ASP B 17 -44.23 21.39 19.02
N ARG B 18 -44.04 20.62 20.10
CA ARG B 18 -42.79 20.60 20.85
C ARG B 18 -41.96 19.41 20.38
N VAL B 19 -40.75 19.69 19.92
CA VAL B 19 -39.86 18.69 19.35
C VAL B 19 -38.70 18.47 20.32
N THR B 20 -38.29 17.21 20.47
CA THR B 20 -37.20 16.85 21.37
C THR B 20 -36.27 15.87 20.67
N ILE B 21 -35.03 16.28 20.47
CA ILE B 21 -34.02 15.45 19.82
C ILE B 21 -33.06 14.93 20.87
N THR B 22 -32.51 13.74 20.64
CA THR B 22 -31.58 13.09 21.55
C THR B 22 -30.24 12.90 20.86
N CYS B 23 -29.16 13.05 21.62
CA CYS B 23 -27.80 12.86 21.13
C CYS B 23 -27.01 12.12 22.20
N ARG B 24 -26.48 10.96 21.85
CA ARG B 24 -25.71 10.13 22.77
C ARG B 24 -24.25 10.07 22.35
N ALA B 25 -23.36 10.02 23.35
CA ALA B 25 -21.92 9.97 23.12
C ALA B 25 -21.38 8.62 23.57
N SER B 26 -20.44 8.08 22.78
CA SER B 26 -19.85 6.78 23.09
C SER B 26 -19.08 6.79 24.41
N GLN B 27 -18.71 7.96 24.91
CA GLN B 27 -18.09 8.10 26.22
C GLN B 27 -18.50 9.45 26.79
N SER B 28 -18.20 9.63 28.08
CA SER B 28 -18.56 10.88 28.74
C SER B 28 -17.80 12.05 28.13
N ILE B 29 -18.54 13.02 27.59
CA ILE B 29 -17.96 14.22 27.00
C ILE B 29 -18.21 15.44 27.89
N SER B 30 -18.52 15.21 29.17
CA SER B 30 -18.77 16.26 30.16
C SER B 30 -19.92 17.12 29.65
N SER B 31 -19.73 18.42 29.40
CA SER B 31 -20.80 19.28 28.94
C SER B 31 -20.48 19.95 27.60
N TYR B 32 -19.42 19.51 26.92
CA TYR B 32 -18.97 20.16 25.69
C TYR B 32 -19.69 19.56 24.48
N LEU B 33 -20.99 19.85 24.42
CA LEU B 33 -21.85 19.40 23.33
C LEU B 33 -22.51 20.61 22.68
N ASN B 34 -22.47 20.66 21.35
CA ASN B 34 -22.96 21.81 20.59
C ASN B 34 -23.98 21.35 19.56
N TRP B 35 -25.02 22.17 19.35
CA TRP B 35 -26.09 21.87 18.41
C TRP B 35 -26.04 22.84 17.24
N TYR B 36 -26.15 22.31 16.03
CA TYR B 36 -26.13 23.11 14.81
C TYR B 36 -27.36 22.82 13.97
N GLN B 37 -27.85 23.84 13.28
CA GLN B 37 -28.97 23.73 12.36
C GLN B 37 -28.50 23.97 10.93
N GLN B 38 -28.95 23.12 10.01
CA GLN B 38 -28.57 23.24 8.60
C GLN B 38 -29.78 23.01 7.72
N LYS B 39 -30.10 23.97 6.86
CA LYS B 39 -31.08 23.87 5.80
C LYS B 39 -30.41 23.35 4.54
N PRO B 40 -31.17 22.76 3.62
CA PRO B 40 -30.58 22.29 2.36
C PRO B 40 -30.00 23.46 1.56
N GLY B 41 -28.78 23.25 1.05
CA GLY B 41 -28.10 24.27 0.28
C GLY B 41 -27.58 25.43 1.08
N LYS B 42 -27.49 25.30 2.40
CA LYS B 42 -27.02 26.37 3.27
C LYS B 42 -26.00 25.82 4.26
N ALA B 43 -25.20 26.73 4.81
CA ALA B 43 -24.21 26.37 5.81
C ALA B 43 -24.88 26.12 7.15
N PRO B 44 -24.22 25.38 8.05
CA PRO B 44 -24.79 25.17 9.38
C PRO B 44 -24.87 26.46 10.17
N LYS B 45 -25.67 26.43 11.24
CA LYS B 45 -25.84 27.58 12.12
C LYS B 45 -25.81 27.10 13.56
N LEU B 46 -25.03 27.79 14.40
CA LEU B 46 -24.88 27.40 15.79
C LEU B 46 -26.12 27.80 16.59
N LEU B 47 -26.72 26.83 17.27
CA LEU B 47 -27.87 27.06 18.13
C LEU B 47 -27.49 27.04 19.61
N ILE B 48 -26.91 25.94 20.08
CA ILE B 48 -26.52 25.78 21.49
C ILE B 48 -25.05 25.40 21.53
N TYR B 49 -24.33 25.98 22.49
CA TYR B 49 -22.97 25.56 22.79
C TYR B 49 -22.86 25.26 24.28
N ALA B 50 -21.95 24.36 24.62
CA ALA B 50 -21.78 23.89 26.00
C ALA B 50 -23.10 23.36 26.56
N ALA B 51 -23.71 22.46 25.79
CA ALA B 51 -24.90 21.72 26.18
C ALA B 51 -26.15 22.60 26.33
N SER B 52 -26.04 23.72 27.05
CA SER B 52 -27.23 24.49 27.40
C SER B 52 -27.14 25.99 27.10
N SER B 53 -25.98 26.52 26.72
CA SER B 53 -25.84 27.95 26.52
C SER B 53 -26.39 28.34 25.15
N LEU B 54 -27.37 29.24 25.15
CA LEU B 54 -28.01 29.69 23.92
C LEU B 54 -27.14 30.74 23.22
N GLN B 55 -26.83 30.49 21.95
CA GLN B 55 -26.05 31.43 21.17
C GLN B 55 -26.82 32.72 20.96
N SER B 56 -26.09 33.84 20.94
CA SER B 56 -26.70 35.15 20.77
C SER B 56 -27.39 35.25 19.43
N GLY B 57 -28.64 35.73 19.46
CA GLY B 57 -29.44 35.86 18.25
C GLY B 57 -30.35 34.69 17.96
N VAL B 58 -30.26 33.61 18.71
CA VAL B 58 -31.08 32.42 18.50
C VAL B 58 -32.37 32.58 19.30
N PRO B 59 -33.52 32.25 18.73
CA PRO B 59 -34.78 32.39 19.48
C PRO B 59 -34.77 31.55 20.75
N SER B 60 -35.41 32.08 21.80
CA SER B 60 -35.44 31.42 23.10
C SER B 60 -36.28 30.16 23.12
N ARG B 61 -36.97 29.82 22.02
CA ARG B 61 -37.69 28.55 21.96
C ARG B 61 -36.77 27.36 21.84
N PHE B 62 -35.49 27.56 21.54
CA PHE B 62 -34.49 26.50 21.54
C PHE B 62 -33.84 26.40 22.91
N SER B 63 -33.54 25.17 23.32
CA SER B 63 -32.88 24.94 24.60
C SER B 63 -32.23 23.57 24.59
N GLY B 64 -31.17 23.43 25.39
CA GLY B 64 -30.49 22.17 25.53
C GLY B 64 -30.26 21.82 26.99
N SER B 65 -30.08 20.52 27.23
CA SER B 65 -29.85 20.04 28.59
C SER B 65 -29.11 18.70 28.50
N GLY B 66 -28.68 18.23 29.67
CA GLY B 66 -27.97 16.97 29.76
C GLY B 66 -26.48 17.16 29.99
N SER B 67 -25.86 16.12 30.55
CA SER B 67 -24.42 16.11 30.76
C SER B 67 -23.96 14.67 30.77
N GLY B 68 -22.68 14.47 30.44
CA GLY B 68 -22.12 13.15 30.36
C GLY B 68 -22.25 12.53 28.99
N THR B 69 -23.20 11.61 28.84
CA THR B 69 -23.40 10.92 27.57
C THR B 69 -24.75 11.16 26.91
N ASP B 70 -25.75 11.60 27.65
CA ASP B 70 -27.10 11.80 27.11
C ASP B 70 -27.40 13.29 27.06
N PHE B 71 -27.77 13.78 25.87
CA PHE B 71 -28.04 15.19 25.66
C PHE B 71 -29.35 15.34 24.88
N THR B 72 -29.94 16.53 24.99
CA THR B 72 -31.27 16.78 24.45
C THR B 72 -31.36 18.21 23.94
N LEU B 73 -31.91 18.36 22.73
CA LEU B 73 -32.28 19.66 22.17
C LEU B 73 -33.79 19.72 22.05
N THR B 74 -34.39 20.81 22.53
CA THR B 74 -35.84 20.95 22.58
C THR B 74 -36.28 22.25 21.91
N ILE B 75 -37.26 22.15 21.03
CA ILE B 75 -37.92 23.31 20.43
C ILE B 75 -39.30 23.39 21.06
N SER B 76 -39.50 24.41 21.91
CA SER B 76 -40.72 24.47 22.72
C SER B 76 -41.96 24.61 21.83
N SER B 77 -41.84 25.35 20.73
CA SER B 77 -42.97 25.54 19.82
C SER B 77 -42.40 25.64 18.41
N LEU B 78 -42.66 24.62 17.59
CA LEU B 78 -42.07 24.54 16.26
C LEU B 78 -42.65 25.62 15.35
N GLN B 79 -41.77 26.41 14.74
CA GLN B 79 -42.13 27.46 13.80
C GLN B 79 -41.81 27.02 12.37
N PRO B 80 -42.41 27.66 11.37
CA PRO B 80 -42.18 27.21 9.98
C PRO B 80 -40.72 27.25 9.54
N GLU B 81 -39.92 28.14 10.11
CA GLU B 81 -38.51 28.25 9.73
C GLU B 81 -37.60 27.34 10.55
N ASP B 82 -38.17 26.45 11.34
CA ASP B 82 -37.39 25.51 12.14
C ASP B 82 -37.33 24.11 11.53
N PHE B 83 -38.01 23.90 10.41
CA PHE B 83 -37.91 22.63 9.69
C PHE B 83 -36.54 22.54 9.02
N ALA B 84 -35.66 21.72 9.58
CA ALA B 84 -34.29 21.61 9.06
C ALA B 84 -33.68 20.32 9.61
N THR B 85 -32.40 20.13 9.34
CA THR B 85 -31.61 19.05 9.92
C THR B 85 -30.77 19.62 11.06
N TYR B 86 -30.67 18.86 12.15
CA TYR B 86 -29.97 19.30 13.35
C TYR B 86 -28.85 18.31 13.67
N TYR B 87 -27.66 18.84 13.93
CA TYR B 87 -26.49 18.05 14.26
C TYR B 87 -25.98 18.42 15.65
N CYS B 88 -25.58 17.41 16.41
CA CYS B 88 -24.79 17.63 17.61
C CYS B 88 -23.32 17.38 17.31
N GLN B 89 -22.46 18.02 18.09
CA GLN B 89 -21.01 17.95 17.87
C GLN B 89 -20.31 18.04 19.22
N GLN B 90 -19.49 17.04 19.53
CA GLN B 90 -18.76 17.01 20.78
C GLN B 90 -17.45 17.79 20.64
N SER B 91 -17.09 18.50 21.70
CA SER B 91 -15.86 19.27 21.75
C SER B 91 -14.98 18.88 22.92
N TYR B 92 -15.30 17.78 23.61
CA TYR B 92 -14.45 17.32 24.70
C TYR B 92 -13.08 16.88 24.19
N SER B 93 -13.06 16.07 23.14
CA SER B 93 -11.81 15.69 22.47
C SER B 93 -11.51 16.79 21.45
N THR B 94 -10.74 17.79 21.88
CA THR B 94 -10.63 19.03 21.12
C THR B 94 -9.93 18.83 19.77
N LEU B 95 -9.02 17.88 19.67
CA LEU B 95 -8.31 17.62 18.42
C LEU B 95 -8.94 16.50 17.61
N ALA B 96 -10.10 16.00 18.03
CA ALA B 96 -10.83 14.96 17.30
C ALA B 96 -12.32 15.30 17.32
N LEU B 97 -12.66 16.52 16.90
CA LEU B 97 -14.04 16.97 16.94
C LEU B 97 -14.89 16.15 15.98
N THR B 98 -16.01 15.63 16.48
CA THR B 98 -16.89 14.76 15.70
C THR B 98 -18.33 15.25 15.80
N PHE B 99 -19.08 15.02 14.73
CA PHE B 99 -20.49 15.37 14.65
C PHE B 99 -21.35 14.12 14.76
N GLY B 100 -22.62 14.33 15.09
CA GLY B 100 -23.59 13.26 14.98
C GLY B 100 -24.09 13.09 13.56
N GLY B 101 -24.83 12.00 13.35
CA GLY B 101 -25.36 11.72 12.02
C GLY B 101 -26.41 12.70 11.55
N GLY B 102 -27.03 13.43 12.47
CA GLY B 102 -28.04 14.39 12.12
C GLY B 102 -29.45 13.88 12.37
N THR B 103 -30.38 14.81 12.51
CA THR B 103 -31.79 14.51 12.69
C THR B 103 -32.61 15.47 11.84
N LYS B 104 -33.48 14.92 11.01
CA LYS B 104 -34.28 15.72 10.07
C LYS B 104 -35.66 15.96 10.67
N VAL B 105 -36.03 17.22 10.81
CA VAL B 105 -37.34 17.62 11.31
C VAL B 105 -38.18 18.01 10.09
N GLU B 106 -38.97 17.07 9.59
CA GLU B 106 -39.75 17.26 8.39
C GLU B 106 -41.17 17.70 8.74
N ILE B 107 -41.91 18.10 7.70
CA ILE B 107 -43.29 18.55 7.87
C ILE B 107 -44.21 17.34 7.88
N LYS B 108 -45.02 17.23 8.93
CA LYS B 108 -45.96 16.12 9.06
C LYS B 108 -47.20 16.38 8.21
N ARG B 109 -47.59 15.38 7.42
CA ARG B 109 -48.79 15.45 6.59
C ARG B 109 -49.43 14.07 6.57
N THR B 110 -50.53 13.95 5.82
CA THR B 110 -51.21 12.68 5.70
C THR B 110 -50.49 11.77 4.72
N VAL B 111 -50.82 10.48 4.77
CA VAL B 111 -50.20 9.50 3.88
C VAL B 111 -50.70 9.70 2.46
N ALA B 112 -49.78 9.76 1.51
CA ALA B 112 -50.11 9.93 0.10
C ALA B 112 -49.39 8.85 -0.70
N ALA B 113 -50.13 8.16 -1.57
CA ALA B 113 -49.54 7.15 -2.41
C ALA B 113 -48.77 7.79 -3.57
N PRO B 114 -47.69 7.17 -4.01
CA PRO B 114 -46.94 7.70 -5.15
C PRO B 114 -47.63 7.41 -6.47
N SER B 115 -47.49 8.34 -7.41
CA SER B 115 -47.90 8.14 -8.78
C SER B 115 -46.71 7.59 -9.55
N VAL B 116 -46.75 6.31 -9.91
CA VAL B 116 -45.62 5.62 -10.51
C VAL B 116 -45.68 5.77 -12.02
N PHE B 117 -44.56 6.14 -12.62
CA PHE B 117 -44.43 6.26 -14.07
C PHE B 117 -43.12 5.62 -14.49
N ILE B 118 -43.13 4.98 -15.66
CA ILE B 118 -41.93 4.37 -16.23
C ILE B 118 -41.71 4.94 -17.63
N PHE B 119 -40.45 5.22 -17.95
CA PHE B 119 -40.09 5.80 -19.24
C PHE B 119 -39.06 4.90 -19.92
N PRO B 120 -39.37 4.35 -21.09
CA PRO B 120 -38.38 3.55 -21.81
C PRO B 120 -37.28 4.45 -22.36
N PRO B 121 -36.14 3.87 -22.76
CA PRO B 121 -35.08 4.68 -23.36
C PRO B 121 -35.49 5.24 -24.71
N SER B 122 -35.04 6.45 -25.00
CA SER B 122 -35.39 7.12 -26.23
C SER B 122 -34.62 6.55 -27.41
N ASP B 123 -35.14 6.82 -28.61
CA ASP B 123 -34.45 6.39 -29.83
C ASP B 123 -33.14 7.13 -30.01
N GLU B 124 -33.07 8.39 -29.59
CA GLU B 124 -31.84 9.16 -29.71
C GLU B 124 -30.72 8.55 -28.87
N GLN B 125 -31.06 8.07 -27.67
CA GLN B 125 -30.05 7.53 -26.76
C GLN B 125 -29.56 6.15 -27.20
N LEU B 126 -30.48 5.29 -27.63
CA LEU B 126 -30.12 3.91 -27.99
C LEU B 126 -29.07 3.86 -29.09
N LYS B 127 -28.95 4.93 -29.89
CA LYS B 127 -27.90 5.00 -30.89
C LYS B 127 -26.52 5.28 -30.30
N SER B 128 -26.44 5.63 -29.02
CA SER B 128 -25.16 5.86 -28.36
C SER B 128 -24.57 4.60 -27.76
N GLY B 129 -25.36 3.55 -27.58
CA GLY B 129 -24.89 2.28 -27.05
C GLY B 129 -25.38 1.96 -25.66
N THR B 130 -25.85 2.95 -24.90
CA THR B 130 -26.34 2.75 -23.56
C THR B 130 -27.86 2.88 -23.52
N ALA B 131 -28.49 2.14 -22.61
CA ALA B 131 -29.93 2.16 -22.45
C ALA B 131 -30.26 2.54 -21.01
N SER B 132 -31.08 3.58 -20.85
CA SER B 132 -31.48 4.07 -19.53
C SER B 132 -32.99 3.96 -19.40
N VAL B 133 -33.44 3.18 -18.43
CA VAL B 133 -34.86 3.09 -18.08
C VAL B 133 -35.08 3.91 -16.83
N VAL B 134 -36.08 4.78 -16.85
CA VAL B 134 -36.35 5.71 -15.76
C VAL B 134 -37.72 5.40 -15.17
N CYS B 135 -37.76 5.21 -13.85
CA CYS B 135 -38.99 4.97 -13.11
C CYS B 135 -39.19 6.13 -12.13
N LEU B 136 -40.40 6.66 -12.07
CA LEU B 136 -40.68 7.89 -11.33
C LEU B 136 -41.72 7.63 -10.26
N LEU B 137 -41.42 8.02 -9.03
CA LEU B 137 -42.35 8.00 -7.91
C LEU B 137 -42.68 9.46 -7.59
N ASN B 138 -43.93 9.84 -7.81
CA ASN B 138 -44.35 11.25 -7.81
C ASN B 138 -45.25 11.54 -6.62
N ASN B 139 -44.83 12.48 -5.78
CA ASN B 139 -45.64 13.03 -4.69
C ASN B 139 -46.16 11.95 -3.75
N PHE B 140 -45.30 11.49 -2.84
CA PHE B 140 -45.69 10.50 -1.85
C PHE B 140 -45.20 10.93 -0.47
N TYR B 141 -45.80 10.32 0.56
CA TYR B 141 -45.43 10.57 1.94
C TYR B 141 -45.79 9.33 2.76
N PRO B 142 -44.91 8.86 3.65
CA PRO B 142 -43.61 9.44 3.97
C PRO B 142 -42.51 9.09 2.97
N ARG B 143 -41.26 9.38 3.33
CA ARG B 143 -40.16 9.23 2.39
C ARG B 143 -39.83 7.75 2.15
N GLU B 144 -40.09 6.89 3.12
CA GLU B 144 -39.75 5.47 2.99
C GLU B 144 -40.49 4.86 1.81
N ALA B 145 -39.74 4.38 0.83
CA ALA B 145 -40.30 3.75 -0.35
C ALA B 145 -39.24 2.89 -1.02
N LYS B 146 -39.64 1.69 -1.42
CA LYS B 146 -38.75 0.73 -2.06
C LYS B 146 -39.06 0.65 -3.56
N VAL B 147 -38.00 0.66 -4.37
CA VAL B 147 -38.11 0.52 -5.82
C VAL B 147 -37.34 -0.72 -6.23
N GLN B 148 -38.01 -1.65 -6.89
CA GLN B 148 -37.42 -2.91 -7.31
C GLN B 148 -37.52 -3.03 -8.82
N TRP B 149 -36.37 -3.21 -9.48
CA TRP B 149 -36.32 -3.40 -10.92
C TRP B 149 -36.39 -4.87 -11.26
N LYS B 150 -37.44 -5.27 -11.97
CA LYS B 150 -37.59 -6.62 -12.51
C LYS B 150 -37.36 -6.58 -14.01
N VAL B 151 -36.57 -7.52 -14.52
CA VAL B 151 -36.32 -7.66 -15.95
C VAL B 151 -36.51 -9.13 -16.30
N ASP B 152 -37.58 -9.43 -17.05
CA ASP B 152 -37.98 -10.81 -17.33
C ASP B 152 -38.13 -11.60 -16.03
N ASN B 153 -38.80 -10.98 -15.06
CA ASN B 153 -39.04 -11.57 -13.74
C ASN B 153 -37.74 -11.96 -13.05
N ALA B 154 -36.68 -11.20 -13.27
CA ALA B 154 -35.40 -11.37 -12.60
C ALA B 154 -35.06 -10.07 -11.88
N LEU B 155 -34.92 -10.14 -10.56
CA LEU B 155 -34.67 -8.95 -9.77
C LEU B 155 -33.29 -8.39 -10.10
N GLN B 156 -33.22 -7.08 -10.30
CA GLN B 156 -31.97 -6.40 -10.67
C GLN B 156 -31.37 -5.72 -9.44
N SER B 157 -30.08 -5.94 -9.24
CA SER B 157 -29.34 -5.33 -8.15
C SER B 157 -28.04 -4.74 -8.66
N GLY B 158 -27.61 -3.65 -8.03
CA GLY B 158 -26.32 -3.06 -8.33
C GLY B 158 -26.19 -2.53 -9.74
N ASN B 159 -27.29 -2.14 -10.38
CA ASN B 159 -27.22 -1.54 -11.71
C ASN B 159 -28.27 -0.45 -11.90
N SER B 160 -28.73 0.17 -10.82
CA SER B 160 -29.60 1.33 -10.89
C SER B 160 -29.16 2.36 -9.86
N GLN B 161 -29.62 3.59 -10.05
CA GLN B 161 -29.29 4.69 -9.15
C GLN B 161 -30.55 5.46 -8.80
N GLU B 162 -30.75 5.72 -7.51
CA GLU B 162 -31.92 6.43 -7.02
C GLU B 162 -31.58 7.89 -6.72
N SER B 163 -32.63 8.70 -6.60
CA SER B 163 -32.51 10.09 -6.23
C SER B 163 -33.86 10.58 -5.72
N VAL B 164 -33.84 11.36 -4.63
CA VAL B 164 -35.04 11.82 -3.97
C VAL B 164 -34.96 13.33 -3.80
N THR B 165 -36.06 14.01 -4.10
CA THR B 165 -36.14 15.45 -3.89
C THR B 165 -36.33 15.76 -2.41
N GLU B 166 -36.07 17.01 -2.04
CA GLU B 166 -36.40 17.48 -0.72
C GLU B 166 -37.92 17.50 -0.55
N GLN B 167 -38.36 17.62 0.70
CA GLN B 167 -39.79 17.71 0.97
C GLN B 167 -40.37 18.94 0.27
N ASP B 168 -41.39 18.72 -0.54
CA ASP B 168 -41.92 19.77 -1.40
C ASP B 168 -42.42 20.95 -0.58
N SER B 169 -42.14 22.16 -1.05
CA SER B 169 -42.63 23.37 -0.41
C SER B 169 -44.13 23.56 -0.56
N LYS B 170 -44.77 22.79 -1.44
CA LYS B 170 -46.21 22.92 -1.68
C LYS B 170 -46.99 21.95 -0.80
N ASP B 171 -46.97 20.66 -1.16
CA ASP B 171 -47.76 19.63 -0.49
C ASP B 171 -46.95 18.77 0.47
N SER B 172 -45.70 19.16 0.76
CA SER B 172 -44.86 18.45 1.72
C SER B 172 -44.64 16.99 1.33
N THR B 173 -44.67 16.69 0.04
CA THR B 173 -44.47 15.33 -0.45
C THR B 173 -43.06 15.16 -1.00
N TYR B 174 -42.66 13.91 -1.15
CA TYR B 174 -41.38 13.55 -1.72
C TYR B 174 -41.57 12.94 -3.12
N SER B 175 -40.50 12.96 -3.90
CA SER B 175 -40.50 12.37 -5.22
C SER B 175 -39.18 11.64 -5.44
N LEU B 176 -39.25 10.52 -6.17
CA LEU B 176 -38.10 9.67 -6.39
C LEU B 176 -38.00 9.31 -7.86
N SER B 177 -36.76 9.21 -8.36
CA SER B 177 -36.49 8.74 -9.70
C SER B 177 -35.34 7.74 -9.65
N SER B 178 -35.58 6.55 -10.18
CA SER B 178 -34.55 5.53 -10.30
C SER B 178 -34.22 5.31 -11.78
N THR B 179 -32.94 5.13 -12.07
CA THR B 179 -32.47 4.98 -13.44
C THR B 179 -31.76 3.64 -13.57
N LEU B 180 -32.36 2.72 -14.32
CA LEU B 180 -31.73 1.45 -14.64
C LEU B 180 -30.84 1.64 -15.87
N THR B 181 -29.54 1.40 -15.70
CA THR B 181 -28.56 1.61 -16.76
C THR B 181 -27.91 0.28 -17.11
N LEU B 182 -28.06 -0.14 -18.36
CA LEU B 182 -27.36 -1.30 -18.89
C LEU B 182 -27.03 -1.03 -20.36
N SER B 183 -26.07 -1.78 -20.88
CA SER B 183 -25.61 -1.55 -22.24
C SER B 183 -26.71 -1.93 -23.24
N LYS B 184 -26.44 -1.63 -24.51
CA LYS B 184 -27.36 -2.03 -25.57
C LYS B 184 -27.36 -3.56 -25.73
N ALA B 185 -26.20 -4.20 -25.57
CA ALA B 185 -26.13 -5.65 -25.65
C ALA B 185 -26.99 -6.29 -24.57
N ASP B 186 -26.95 -5.76 -23.35
CA ASP B 186 -27.81 -6.27 -22.29
C ASP B 186 -29.27 -5.91 -22.52
N TYR B 187 -29.55 -4.96 -23.42
CA TYR B 187 -30.91 -4.45 -23.56
C TYR B 187 -31.75 -5.32 -24.49
N GLU B 188 -31.14 -5.91 -25.53
CA GLU B 188 -31.87 -6.81 -26.40
C GLU B 188 -31.95 -8.23 -25.85
N LYS B 189 -31.05 -8.59 -24.92
CA LYS B 189 -31.10 -9.92 -24.31
C LYS B 189 -32.41 -10.16 -23.57
N HIS B 190 -33.17 -9.11 -23.28
CA HIS B 190 -34.41 -9.22 -22.53
C HIS B 190 -35.49 -8.40 -23.21
N LYS B 191 -36.74 -8.60 -22.78
CA LYS B 191 -37.89 -7.95 -23.40
C LYS B 191 -38.74 -7.16 -22.43
N VAL B 192 -39.06 -7.71 -21.27
CA VAL B 192 -39.94 -7.05 -20.31
C VAL B 192 -39.11 -6.24 -19.32
N TYR B 193 -39.55 -5.01 -19.07
CA TYR B 193 -38.89 -4.11 -18.13
C TYR B 193 -39.95 -3.52 -17.20
N ALA B 194 -39.84 -3.85 -15.91
CA ALA B 194 -40.86 -3.50 -14.93
C ALA B 194 -40.22 -2.73 -13.77
N CYS B 195 -41.08 -2.15 -12.93
CA CYS B 195 -40.64 -1.32 -11.80
C CYS B 195 -41.64 -1.54 -10.66
N GLU B 196 -41.25 -2.33 -9.67
CA GLU B 196 -42.11 -2.61 -8.53
C GLU B 196 -41.90 -1.54 -7.46
N VAL B 197 -42.99 -1.03 -6.90
CA VAL B 197 -42.96 0.07 -5.94
C VAL B 197 -43.70 -0.37 -4.68
N THR B 198 -43.00 -0.37 -3.55
CA THR B 198 -43.59 -0.63 -2.24
C THR B 198 -43.62 0.67 -1.46
N HIS B 199 -44.76 0.96 -0.84
CA HIS B 199 -44.90 2.19 -0.06
C HIS B 199 -45.97 1.98 1.01
N GLN B 200 -45.90 2.81 2.05
CA GLN B 200 -46.85 2.72 3.14
C GLN B 200 -48.29 2.97 2.67
N GLY B 201 -48.46 3.84 1.67
CA GLY B 201 -49.77 4.16 1.14
C GLY B 201 -50.29 3.20 0.09
N LEU B 202 -49.63 2.07 -0.12
CA LEU B 202 -50.05 1.08 -1.10
C LEU B 202 -50.43 -0.20 -0.35
N SER B 203 -51.70 -0.60 -0.46
CA SER B 203 -52.15 -1.83 0.17
C SER B 203 -51.44 -3.06 -0.39
N SER B 204 -50.92 -2.97 -1.62
CA SER B 204 -50.13 -4.02 -2.24
C SER B 204 -49.09 -3.36 -3.13
N PRO B 205 -47.96 -4.01 -3.37
CA PRO B 205 -46.93 -3.42 -4.24
C PRO B 205 -47.47 -3.17 -5.64
N VAL B 206 -47.08 -2.03 -6.20
CA VAL B 206 -47.56 -1.56 -7.50
C VAL B 206 -46.42 -1.65 -8.51
N THR B 207 -46.73 -2.14 -9.71
CA THR B 207 -45.75 -2.34 -10.76
C THR B 207 -46.21 -1.65 -12.03
N LYS B 208 -45.28 -0.93 -12.67
CA LYS B 208 -45.50 -0.33 -13.98
C LYS B 208 -44.41 -0.86 -14.91
N SER B 209 -44.83 -1.38 -16.07
CA SER B 209 -43.91 -2.05 -16.98
C SER B 209 -44.20 -1.63 -18.41
N PHE B 210 -43.39 -2.16 -19.33
CA PHE B 210 -43.59 -1.96 -20.76
C PHE B 210 -42.85 -3.07 -21.50
N ASN B 211 -43.28 -3.33 -22.73
CA ASN B 211 -42.64 -4.31 -23.59
C ASN B 211 -41.80 -3.58 -24.65
N ARG B 212 -40.55 -4.00 -24.80
CA ARG B 212 -39.64 -3.39 -25.76
C ARG B 212 -40.08 -3.69 -27.19
N THR C 7 16.83 25.99 34.96
CA THR C 7 16.57 27.37 34.58
C THR C 7 15.11 27.76 34.85
N ASN C 8 14.71 28.94 34.37
CA ASN C 8 13.35 29.42 34.60
C ASN C 8 12.32 28.57 33.88
N LEU C 9 12.68 27.96 32.75
CA LEU C 9 11.73 27.20 31.95
C LEU C 9 11.38 25.89 32.62
N CYS C 10 10.14 25.45 32.40
CA CYS C 10 9.68 24.20 32.97
C CYS C 10 10.44 23.03 32.35
N PRO C 11 10.85 22.05 33.17
CA PRO C 11 11.72 20.96 32.67
C PRO C 11 10.98 19.91 31.85
N PHE C 12 10.32 20.36 30.78
CA PHE C 12 9.74 19.41 29.84
C PHE C 12 10.81 18.68 29.03
N ASP C 13 12.04 19.21 29.02
CA ASP C 13 13.14 18.53 28.35
C ASP C 13 13.47 17.21 29.05
N GLU C 14 13.49 17.22 30.39
CA GLU C 14 13.86 16.03 31.15
C GLU C 14 12.83 14.91 31.01
N VAL C 15 11.61 15.21 30.56
CA VAL C 15 10.59 14.18 30.41
C VAL C 15 10.55 13.64 28.98
N PHE C 16 10.46 14.53 27.98
CA PHE C 16 10.33 14.08 26.61
C PHE C 16 11.62 13.44 26.10
N ASN C 17 12.77 13.98 26.49
CA ASN C 17 14.06 13.58 25.95
C ASN C 17 14.82 12.64 26.87
N ALA C 18 14.16 12.04 27.86
CA ALA C 18 14.83 11.09 28.74
C ALA C 18 15.34 9.90 27.94
N THR C 19 16.54 9.43 28.31
CA THR C 19 17.15 8.33 27.57
C THR C 19 16.43 7.01 27.78
N ARG C 20 15.81 6.82 28.95
CA ARG C 20 15.07 5.61 29.25
C ARG C 20 13.70 5.96 29.80
N PHE C 21 12.68 5.26 29.33
CA PHE C 21 11.31 5.44 29.77
C PHE C 21 10.87 4.29 30.67
N ALA C 22 9.86 4.56 31.49
CA ALA C 22 9.38 3.56 32.43
C ALA C 22 8.40 2.61 31.75
N SER C 23 8.28 1.42 32.31
CA SER C 23 7.25 0.49 31.88
C SER C 23 5.87 1.06 32.22
N VAL C 24 4.87 0.65 31.44
CA VAL C 24 3.55 1.26 31.59
C VAL C 24 2.92 0.90 32.93
N TYR C 25 3.17 -0.31 33.45
CA TYR C 25 2.59 -0.69 34.73
C TYR C 25 3.23 0.07 35.89
N ALA C 26 4.45 0.56 35.72
CA ALA C 26 5.11 1.38 36.73
C ALA C 26 5.41 2.76 36.16
N TRP C 27 4.39 3.40 35.60
CA TRP C 27 4.58 4.66 34.88
C TRP C 27 5.14 5.74 35.79
N ASN C 28 6.06 6.52 35.25
CA ASN C 28 6.65 7.64 35.99
C ASN C 28 5.74 8.85 35.94
N ARG C 29 5.79 9.65 37.00
CA ARG C 29 5.05 10.91 37.08
C ARG C 29 6.01 12.01 37.51
N LYS C 30 5.99 13.12 36.78
CA LYS C 30 6.84 14.27 37.07
C LYS C 30 5.96 15.45 37.43
N ARG C 31 6.10 15.93 38.66
CA ARG C 31 5.35 17.10 39.11
C ARG C 31 6.06 18.37 38.63
N ILE C 32 5.30 19.26 38.00
CA ILE C 32 5.84 20.48 37.40
C ILE C 32 5.09 21.66 37.98
N SER C 33 5.80 22.52 38.71
CA SER C 33 5.18 23.63 39.42
C SER C 33 6.12 24.82 39.48
N ASN C 34 5.53 26.02 39.52
CA ASN C 34 6.26 27.27 39.72
C ASN C 34 7.37 27.45 38.69
N CYS C 35 6.97 27.44 37.43
CA CYS C 35 7.90 27.66 36.33
C CYS C 35 7.13 28.19 35.13
N VAL C 36 7.88 28.71 34.15
CA VAL C 36 7.32 29.25 32.92
C VAL C 36 7.46 28.22 31.82
N ALA C 37 6.41 28.09 31.00
CA ALA C 37 6.37 27.10 29.93
C ALA C 37 6.08 27.79 28.61
N ASP C 38 6.71 27.30 27.55
CA ASP C 38 6.46 27.74 26.18
C ASP C 38 5.68 26.63 25.47
N TYR C 39 4.38 26.55 25.81
CA TYR C 39 3.56 25.46 25.30
C TYR C 39 3.50 25.45 23.78
N SER C 40 3.15 26.60 23.18
CA SER C 40 2.99 26.67 21.73
C SER C 40 4.25 26.22 21.00
N VAL C 41 5.43 26.47 21.56
CA VAL C 41 6.67 26.07 20.91
C VAL C 41 6.93 24.58 21.09
N LEU C 42 6.74 24.08 22.32
CA LEU C 42 6.96 22.66 22.59
C LEU C 42 5.78 21.78 22.18
N TYR C 43 4.61 22.36 21.92
CA TYR C 43 3.47 21.59 21.42
C TYR C 43 3.36 21.64 19.90
N ASN C 44 4.16 22.47 19.23
CA ASN C 44 4.19 22.51 17.77
C ASN C 44 4.97 21.30 17.27
N LEU C 45 4.32 20.13 17.32
CA LEU C 45 4.94 18.89 16.93
C LEU C 45 4.69 18.59 15.45
N ALA C 46 5.52 17.72 14.90
CA ALA C 46 5.45 17.36 13.50
C ALA C 46 4.37 16.30 13.29
N PRO C 47 3.99 16.02 12.04
CA PRO C 47 2.92 15.05 11.79
C PRO C 47 3.20 13.64 12.31
N PHE C 48 4.45 13.25 12.53
CA PHE C 48 4.72 11.92 13.04
C PHE C 48 4.50 11.79 14.54
N PHE C 49 3.86 12.78 15.16
CA PHE C 49 3.45 12.73 16.56
C PHE C 49 1.94 12.49 16.64
N THR C 50 1.55 11.58 17.53
CA THR C 50 0.15 11.40 17.88
C THR C 50 -0.19 12.36 19.01
N PHE C 51 -1.10 13.29 18.76
CA PHE C 51 -1.36 14.39 19.68
C PHE C 51 -2.87 14.57 19.81
N LYS C 52 -3.41 14.27 20.99
CA LYS C 52 -4.83 14.42 21.28
C LYS C 52 -4.99 15.09 22.63
N CYS C 53 -5.81 16.14 22.68
CA CYS C 53 -6.10 16.86 23.91
C CYS C 53 -7.57 16.69 24.28
N TYR C 54 -7.86 16.81 25.57
CA TYR C 54 -9.20 16.55 26.09
C TYR C 54 -9.56 17.60 27.11
N GLY C 55 -10.73 18.22 26.92
CA GLY C 55 -11.19 19.26 27.83
C GLY C 55 -10.46 20.58 27.73
N VAL C 56 -9.53 20.72 26.80
CA VAL C 56 -8.77 21.96 26.65
C VAL C 56 -8.17 21.99 25.25
N SER C 57 -8.11 23.18 24.67
CA SER C 57 -7.53 23.37 23.35
C SER C 57 -6.03 23.66 23.47
N PRO C 58 -5.20 23.08 22.59
CA PRO C 58 -3.76 23.35 22.66
C PRO C 58 -3.41 24.79 22.40
N THR C 59 -4.13 25.45 21.49
CA THR C 59 -3.91 26.84 21.11
C THR C 59 -4.34 27.83 22.19
N LYS C 60 -4.71 27.36 23.38
CA LYS C 60 -5.11 28.24 24.47
C LYS C 60 -4.28 28.01 25.73
N LEU C 61 -3.37 27.04 25.73
CA LEU C 61 -2.63 26.72 26.95
C LEU C 61 -1.64 27.82 27.34
N ASN C 62 -1.12 28.56 26.35
CA ASN C 62 -0.23 29.67 26.66
C ASN C 62 -0.93 30.81 27.36
N ASP C 63 -2.26 30.75 27.51
CA ASP C 63 -3.03 31.80 28.14
C ASP C 63 -3.55 31.43 29.52
N LEU C 64 -3.44 30.16 29.92
CA LEU C 64 -4.04 29.67 31.16
C LEU C 64 -2.98 29.40 32.21
N CYS C 65 -3.41 29.41 33.46
CA CYS C 65 -2.59 29.06 34.61
C CYS C 65 -3.28 27.94 35.38
N PHE C 66 -2.47 27.04 35.93
CA PHE C 66 -2.99 25.86 36.63
C PHE C 66 -2.25 25.68 37.94
N THR C 67 -2.88 24.92 38.85
CA THR C 67 -2.26 24.62 40.13
C THR C 67 -1.02 23.75 39.95
N ASN C 68 -1.14 22.66 39.20
CA ASN C 68 -0.03 21.76 38.95
C ASN C 68 -0.18 21.14 37.58
N VAL C 69 0.95 20.77 36.99
CA VAL C 69 0.99 20.06 35.72
C VAL C 69 1.77 18.77 35.95
N TYR C 70 1.06 17.64 35.89
CA TYR C 70 1.70 16.33 36.07
C TYR C 70 2.08 15.76 34.71
N ALA C 71 3.32 15.29 34.61
CA ALA C 71 3.87 14.73 33.37
C ALA C 71 4.11 13.24 33.59
N ASP C 72 3.21 12.41 33.06
CA ASP C 72 3.35 10.96 33.16
C ASP C 72 3.96 10.43 31.87
N SER C 73 4.90 9.49 32.01
CA SER C 73 5.61 8.95 30.87
C SER C 73 5.78 7.44 31.02
N PHE C 74 5.66 6.73 29.91
CA PHE C 74 5.77 5.28 29.87
C PHE C 74 5.85 4.87 28.40
N VAL C 75 5.98 3.55 28.16
CA VAL C 75 6.09 2.99 26.82
C VAL C 75 5.09 1.87 26.68
N ILE C 76 4.32 1.90 25.60
CA ILE C 76 3.42 0.83 25.18
C ILE C 76 3.71 0.50 23.73
N ARG C 77 2.94 -0.43 23.17
CA ARG C 77 3.07 -0.74 21.76
C ARG C 77 2.04 0.03 20.94
N GLY C 78 2.26 0.08 19.63
CA GLY C 78 1.53 1.00 18.78
C GLY C 78 0.03 0.80 18.81
N ASP C 79 -0.42 -0.45 18.85
CA ASP C 79 -1.85 -0.73 18.81
C ASP C 79 -2.56 -0.36 20.10
N GLU C 80 -1.82 -0.03 21.17
CA GLU C 80 -2.40 0.31 22.46
C GLU C 80 -2.43 1.81 22.72
N VAL C 81 -1.95 2.62 21.78
CA VAL C 81 -1.94 4.07 22.00
C VAL C 81 -3.35 4.61 22.14
N ARG C 82 -4.30 4.02 21.40
CA ARG C 82 -5.69 4.46 21.49
C ARG C 82 -6.27 4.25 22.89
N GLN C 83 -5.64 3.39 23.70
CA GLN C 83 -6.12 3.16 25.06
C GLN C 83 -5.75 4.29 26.01
N ILE C 84 -4.75 5.10 25.68
CA ILE C 84 -4.36 6.21 26.54
C ILE C 84 -5.27 7.39 26.26
N ALA C 85 -6.50 7.31 26.76
CA ALA C 85 -7.52 8.33 26.56
C ALA C 85 -8.64 8.07 27.56
N PRO C 86 -9.41 9.11 27.91
CA PRO C 86 -10.52 8.89 28.84
C PRO C 86 -11.57 7.94 28.25
N GLY C 87 -12.19 7.17 29.14
CA GLY C 87 -13.29 6.32 28.74
C GLY C 87 -12.91 5.13 27.87
N GLN C 88 -11.66 4.68 27.96
CA GLN C 88 -11.19 3.55 27.16
C GLN C 88 -11.12 2.30 28.02
N THR C 89 -11.22 1.15 27.36
CA THR C 89 -11.08 -0.14 28.02
C THR C 89 -10.04 -0.97 27.28
N GLY C 90 -9.54 -1.99 27.97
CA GLY C 90 -8.42 -2.78 27.51
C GLY C 90 -7.40 -2.98 28.62
N ASN C 91 -6.44 -3.85 28.34
CA ASN C 91 -5.49 -4.26 29.37
C ASN C 91 -4.61 -3.10 29.83
N ILE C 92 -4.37 -2.12 28.96
CA ILE C 92 -3.55 -0.98 29.37
C ILE C 92 -4.40 0.02 30.15
N ALA C 93 -5.62 0.29 29.68
CA ALA C 93 -6.47 1.27 30.34
C ALA C 93 -7.03 0.76 31.66
N ASP C 94 -7.25 -0.56 31.77
CA ASP C 94 -7.87 -1.12 32.97
C ASP C 94 -6.84 -1.54 34.02
N TYR C 95 -5.69 -2.06 33.59
CA TYR C 95 -4.74 -2.68 34.51
C TYR C 95 -3.42 -1.92 34.65
N ASN C 96 -3.17 -0.90 33.84
CA ASN C 96 -1.86 -0.27 33.84
C ASN C 96 -1.94 1.24 34.09
N TYR C 97 -2.72 1.95 33.27
CA TYR C 97 -2.78 3.40 33.35
C TYR C 97 -4.17 3.84 32.91
N LYS C 98 -4.97 4.33 33.86
CA LYS C 98 -6.35 4.71 33.61
C LYS C 98 -6.51 6.22 33.75
N LEU C 99 -7.00 6.86 32.70
CA LEU C 99 -7.35 8.28 32.78
C LEU C 99 -8.80 8.43 33.23
N PRO C 100 -9.12 9.50 33.95
CA PRO C 100 -10.50 9.71 34.38
C PRO C 100 -11.39 10.15 33.21
N ASP C 101 -12.70 10.01 33.43
CA ASP C 101 -13.66 10.36 32.38
C ASP C 101 -13.66 11.86 32.09
N ASP C 102 -13.33 12.69 33.07
CA ASP C 102 -13.27 14.14 32.92
C ASP C 102 -11.83 14.63 32.84
N PHE C 103 -10.99 13.90 32.14
CA PHE C 103 -9.57 14.24 32.04
C PHE C 103 -9.39 15.54 31.28
N THR C 104 -8.59 16.45 31.85
CA THR C 104 -8.27 17.74 31.24
C THR C 104 -6.77 17.76 30.98
N GLY C 105 -6.37 17.55 29.73
CA GLY C 105 -4.98 17.53 29.39
C GLY C 105 -4.78 16.99 27.98
N CYS C 106 -3.51 16.73 27.67
CA CYS C 106 -3.13 16.26 26.34
C CYS C 106 -2.31 14.98 26.44
N VAL C 107 -2.40 14.16 25.40
CA VAL C 107 -1.66 12.91 25.31
C VAL C 107 -0.77 12.98 24.08
N ILE C 108 0.52 12.72 24.27
CA ILE C 108 1.52 12.80 23.21
C ILE C 108 2.19 11.44 23.08
N ALA C 109 2.35 10.98 21.83
CA ALA C 109 2.96 9.70 21.56
C ALA C 109 3.75 9.78 20.26
N TRP C 110 4.85 9.02 20.20
CA TRP C 110 5.65 8.97 18.99
C TRP C 110 6.35 7.61 18.92
N ASN C 111 6.49 7.11 17.70
CA ASN C 111 7.16 5.82 17.48
C ASN C 111 8.63 5.91 17.88
N SER C 112 9.03 5.06 18.81
CA SER C 112 10.39 5.05 19.33
C SER C 112 11.10 3.74 18.97
N ASN C 113 10.84 3.22 17.78
CA ASN C 113 11.42 1.95 17.37
C ASN C 113 12.94 2.02 17.34
N LYS C 114 13.50 3.19 17.07
CA LYS C 114 14.95 3.36 16.97
C LYS C 114 15.63 3.51 18.33
N LEU C 115 14.88 3.56 19.42
CA LEU C 115 15.46 3.73 20.75
C LEU C 115 15.17 2.58 21.70
N ASP C 116 14.00 1.93 21.60
CA ASP C 116 13.57 0.97 22.60
C ASP C 116 13.46 -0.45 22.07
N SER C 117 13.76 -0.69 20.80
CA SER C 117 13.73 -2.03 20.24
C SER C 117 15.15 -2.57 20.10
N LYS C 118 15.32 -3.85 20.38
CA LYS C 118 16.60 -4.52 20.29
C LYS C 118 16.51 -5.72 19.36
N VAL C 119 17.64 -6.01 18.69
CA VAL C 119 17.67 -7.13 17.74
C VAL C 119 17.32 -8.43 18.45
N SER C 120 17.97 -8.71 19.57
CA SER C 120 17.67 -9.90 20.35
C SER C 120 16.40 -9.76 21.18
N GLY C 121 15.69 -8.64 21.06
CA GLY C 121 14.47 -8.43 21.82
C GLY C 121 14.69 -7.64 23.09
N ASN C 122 14.00 -6.50 23.21
CA ASN C 122 14.09 -5.66 24.41
C ASN C 122 12.99 -6.11 25.37
N TYR C 123 13.30 -7.13 26.16
CA TYR C 123 12.38 -7.64 27.17
C TYR C 123 12.33 -6.77 28.43
N ASN C 124 12.83 -5.53 28.36
CA ASN C 124 12.90 -4.67 29.53
C ASN C 124 11.60 -3.96 29.82
N TYR C 125 10.70 -3.83 28.85
CA TYR C 125 9.44 -3.14 29.02
C TYR C 125 8.34 -4.14 29.34
N LEU C 126 7.59 -3.87 30.41
CA LEU C 126 6.59 -4.79 30.92
C LEU C 126 5.22 -4.12 31.00
N TYR C 127 4.19 -4.95 31.02
CA TYR C 127 2.81 -4.50 31.20
C TYR C 127 2.07 -5.52 32.02
N ARG C 128 1.06 -5.07 32.75
CA ARG C 128 0.26 -5.95 33.60
C ARG C 128 -0.83 -6.62 32.78
N LEU C 129 -0.89 -7.95 32.84
CA LEU C 129 -1.87 -8.73 32.10
C LEU C 129 -3.10 -9.11 32.92
N PHE C 130 -2.91 -9.45 34.19
CA PHE C 130 -4.00 -9.87 35.06
C PHE C 130 -4.11 -8.94 36.25
N ARG C 131 -5.35 -8.68 36.67
CA ARG C 131 -5.63 -7.93 37.89
C ARG C 131 -7.08 -8.24 38.29
N LYS C 132 -7.31 -8.36 39.59
CA LYS C 132 -8.63 -8.76 40.06
C LYS C 132 -9.68 -7.71 39.72
N SER C 133 -9.36 -6.43 39.90
CA SER C 133 -10.25 -5.34 39.56
C SER C 133 -9.51 -4.30 38.72
N ASN C 134 -10.28 -3.44 38.05
CA ASN C 134 -9.68 -2.40 37.25
C ASN C 134 -9.03 -1.34 38.13
N LEU C 135 -8.13 -0.56 37.52
CA LEU C 135 -7.47 0.52 38.20
C LEU C 135 -8.39 1.72 38.37
N LYS C 136 -8.20 2.44 39.46
CA LYS C 136 -8.78 3.76 39.60
C LYS C 136 -8.00 4.76 38.74
N PRO C 137 -8.60 5.88 38.39
CA PRO C 137 -7.88 6.87 37.57
C PRO C 137 -6.61 7.34 38.27
N PHE C 138 -5.51 7.36 37.51
CA PHE C 138 -4.19 7.79 37.96
C PHE C 138 -3.61 6.88 39.05
N GLU C 139 -4.13 5.67 39.20
CA GLU C 139 -3.60 4.73 40.16
C GLU C 139 -2.42 3.98 39.56
N ARG C 140 -1.38 3.79 40.37
CA ARG C 140 -0.19 3.05 39.96
C ARG C 140 -0.09 1.78 40.82
N ASP C 141 -0.10 0.63 40.17
CA ASP C 141 0.02 -0.67 40.83
C ASP C 141 1.27 -1.34 40.29
N ILE C 142 2.33 -1.34 41.10
CA ILE C 142 3.58 -2.00 40.75
C ILE C 142 3.71 -3.37 41.43
N SER C 143 2.64 -3.86 42.04
CA SER C 143 2.67 -5.16 42.68
C SER C 143 2.69 -6.27 41.64
N THR C 144 3.44 -7.33 41.93
CA THR C 144 3.56 -8.50 41.05
C THR C 144 3.28 -9.78 41.82
N GLU C 145 2.32 -9.73 42.74
CA GLU C 145 1.94 -10.93 43.47
C GLU C 145 1.28 -11.94 42.54
N ILE C 146 1.46 -13.22 42.85
CA ILE C 146 0.94 -14.29 42.00
C ILE C 146 -0.58 -14.19 41.96
N TYR C 147 -1.12 -13.99 40.75
CA TYR C 147 -2.55 -13.76 40.58
C TYR C 147 -3.31 -15.08 40.69
N GLN C 148 -4.34 -15.10 41.55
CA GLN C 148 -5.18 -16.28 41.74
C GLN C 148 -6.37 -16.18 40.79
N ALA C 149 -6.35 -16.98 39.74
CA ALA C 149 -7.45 -17.04 38.78
C ALA C 149 -8.47 -18.11 39.13
N GLY C 150 -8.19 -18.96 40.10
CA GLY C 150 -9.10 -20.02 40.49
C GLY C 150 -9.51 -19.93 41.95
N ASN C 151 -9.68 -21.09 42.59
CA ASN C 151 -10.12 -21.15 43.98
C ASN C 151 -8.99 -21.47 44.95
N LYS C 152 -8.03 -22.27 44.55
CA LYS C 152 -6.95 -22.64 45.46
C LYS C 152 -6.01 -21.45 45.65
N PRO C 153 -5.54 -21.22 46.89
CA PRO C 153 -4.59 -20.12 47.11
C PRO C 153 -3.23 -20.45 46.49
N CYS C 154 -2.58 -19.41 45.98
CA CYS C 154 -1.30 -19.60 45.30
C CYS C 154 -0.14 -19.61 46.28
N ASN C 155 -0.24 -18.87 47.38
CA ASN C 155 0.83 -18.76 48.37
C ASN C 155 2.15 -18.31 47.73
N GLY C 156 2.05 -17.33 46.84
CA GLY C 156 3.22 -16.82 46.13
C GLY C 156 3.90 -17.78 45.20
N VAL C 157 3.35 -18.98 45.01
CA VAL C 157 3.93 -20.00 44.16
C VAL C 157 3.21 -20.02 42.82
N ALA C 158 3.98 -20.04 41.73
CA ALA C 158 3.40 -20.13 40.41
C ALA C 158 2.91 -21.56 40.13
N GLY C 159 2.06 -21.68 39.12
CA GLY C 159 1.52 -22.98 38.75
C GLY C 159 0.24 -22.89 37.95
N PHE C 160 -0.74 -23.70 38.31
CA PHE C 160 -2.03 -23.73 37.61
C PHE C 160 -2.99 -22.77 38.28
N ASN C 161 -3.69 -21.97 37.46
CA ASN C 161 -4.58 -20.91 37.92
C ASN C 161 -3.87 -19.89 38.80
N CYS C 162 -2.53 -19.83 38.70
CA CYS C 162 -1.70 -18.93 39.49
C CYS C 162 -0.62 -18.38 38.56
N TYR C 163 -0.89 -17.24 37.94
CA TYR C 163 -0.04 -16.68 36.91
C TYR C 163 0.73 -15.48 37.43
N PHE C 164 1.94 -15.32 36.94
CA PHE C 164 2.66 -14.07 37.16
C PHE C 164 1.92 -12.95 36.43
N PRO C 165 1.56 -11.86 37.11
CA PRO C 165 0.65 -10.88 36.51
C PRO C 165 1.29 -10.03 35.40
N LEU C 166 2.60 -10.10 35.21
CA LEU C 166 3.28 -9.24 34.24
C LEU C 166 3.70 -10.03 33.01
N ARG C 167 3.76 -9.34 31.88
CA ARG C 167 4.30 -9.86 30.64
C ARG C 167 5.28 -8.85 30.06
N SER C 168 5.95 -9.23 28.98
CA SER C 168 6.95 -8.38 28.35
C SER C 168 6.55 -8.05 26.92
N TYR C 169 7.06 -6.92 26.44
CA TYR C 169 6.82 -6.49 25.06
C TYR C 169 7.84 -7.07 24.09
N SER C 170 9.07 -7.30 24.54
CA SER C 170 10.12 -7.93 23.73
C SER C 170 10.34 -7.17 22.42
N PHE C 171 10.32 -5.84 22.51
CA PHE C 171 10.40 -4.97 21.35
C PHE C 171 11.56 -5.30 20.43
N ARG C 172 11.26 -5.84 19.25
CA ARG C 172 12.22 -6.12 18.20
C ARG C 172 11.97 -5.20 17.01
N PRO C 173 13.03 -4.76 16.33
CA PRO C 173 12.84 -3.85 15.18
C PRO C 173 12.10 -4.48 14.02
N THR C 174 12.03 -5.80 13.95
CA THR C 174 11.35 -6.49 12.86
C THR C 174 9.83 -6.55 13.05
N TYR C 175 9.32 -6.10 14.19
CA TYR C 175 7.89 -6.12 14.43
C TYR C 175 7.18 -5.11 13.53
N GLY C 176 5.89 -5.35 13.32
CA GLY C 176 5.05 -4.37 12.67
C GLY C 176 4.74 -3.21 13.58
N VAL C 177 4.19 -2.14 12.98
CA VAL C 177 3.93 -0.90 13.72
C VAL C 177 3.04 -1.16 14.92
N GLY C 178 2.07 -2.06 14.79
CA GLY C 178 1.20 -2.38 15.91
C GLY C 178 1.91 -3.01 17.09
N HIS C 179 3.11 -3.53 16.88
CA HIS C 179 3.90 -4.11 17.96
C HIS C 179 5.17 -3.31 18.25
N GLN C 180 5.35 -2.14 17.61
CA GLN C 180 6.53 -1.34 17.83
C GLN C 180 6.34 -0.42 19.04
N PRO C 181 7.43 -0.09 19.74
CA PRO C 181 7.30 0.72 20.95
C PRO C 181 6.92 2.16 20.64
N TYR C 182 6.11 2.73 21.51
CA TYR C 182 5.73 4.14 21.43
C TYR C 182 5.93 4.79 22.79
N ARG C 183 6.71 5.87 22.81
CA ARG C 183 6.89 6.63 24.04
C ARG C 183 5.72 7.60 24.20
N VAL C 184 5.13 7.61 25.39
CA VAL C 184 3.91 8.35 25.66
C VAL C 184 4.15 9.31 26.81
N VAL C 185 3.71 10.56 26.64
CA VAL C 185 3.74 11.56 27.69
C VAL C 185 2.32 12.11 27.86
N VAL C 186 1.82 12.06 29.09
CA VAL C 186 0.48 12.50 29.41
C VAL C 186 0.61 13.71 30.33
N LEU C 187 0.18 14.88 29.84
CA LEU C 187 0.23 16.11 30.62
C LEU C 187 -1.15 16.40 31.18
N SER C 188 -1.26 16.44 32.51
CA SER C 188 -2.51 16.73 33.19
C SER C 188 -2.49 18.18 33.67
N PHE C 189 -3.55 18.92 33.35
CA PHE C 189 -3.71 20.30 33.78
C PHE C 189 -4.88 20.39 34.76
N GLU C 190 -4.73 21.25 35.76
CA GLU C 190 -5.78 21.44 36.76
C GLU C 190 -6.32 22.86 36.72
N VAL C 198 1.83 27.16 37.27
CA VAL C 198 2.44 27.02 35.95
C VAL C 198 1.63 27.79 34.91
N CYS C 199 2.08 29.00 34.59
CA CYS C 199 1.46 29.80 33.55
C CYS C 199 2.26 29.68 32.26
N GLY C 200 1.54 29.54 31.14
CA GLY C 200 2.20 29.45 29.85
C GLY C 200 2.66 30.81 29.36
N LYS C 201 3.82 30.82 28.71
CA LYS C 201 4.39 32.05 28.16
C LYS C 201 5.48 31.73 27.16
N GLN D 1 9.50 2.07 -8.11
CA GLN D 1 10.10 0.77 -7.80
C GLN D 1 11.53 0.94 -7.31
N VAL D 2 11.85 0.24 -6.23
CA VAL D 2 13.18 0.31 -5.65
C VAL D 2 14.11 -0.64 -6.40
N GLN D 3 15.35 -0.21 -6.62
CA GLN D 3 16.34 -1.03 -7.30
C GLN D 3 17.67 -0.94 -6.57
N LEU D 4 18.28 -2.10 -6.29
CA LEU D 4 19.55 -2.18 -5.59
C LEU D 4 20.64 -2.65 -6.56
N GLN D 5 21.87 -2.20 -6.32
CA GLN D 5 22.99 -2.54 -7.19
C GLN D 5 24.27 -2.57 -6.37
N GLU D 6 24.88 -3.74 -6.25
CA GLU D 6 26.14 -3.87 -5.54
C GLU D 6 27.28 -3.31 -6.36
N SER D 7 28.34 -2.89 -5.66
CA SER D 7 29.53 -2.38 -6.32
C SER D 7 30.70 -2.51 -5.34
N GLY D 8 31.74 -3.24 -5.74
CA GLY D 8 32.88 -3.44 -4.88
C GLY D 8 33.97 -4.25 -5.54
N PRO D 9 35.12 -4.35 -4.88
CA PRO D 9 36.26 -5.06 -5.48
C PRO D 9 35.99 -6.55 -5.56
N GLY D 10 36.33 -7.14 -6.72
CA GLY D 10 36.20 -8.56 -6.91
C GLY D 10 37.33 -9.41 -6.36
N LEU D 11 38.36 -8.79 -5.80
CA LEU D 11 39.53 -9.52 -5.32
C LEU D 11 40.02 -8.87 -4.04
N VAL D 12 40.12 -9.66 -2.97
CA VAL D 12 40.57 -9.20 -1.66
C VAL D 12 41.63 -10.17 -1.15
N LYS D 13 42.75 -9.64 -0.67
CA LYS D 13 43.81 -10.49 -0.16
C LYS D 13 43.42 -11.07 1.20
N PRO D 14 44.03 -12.19 1.59
CA PRO D 14 43.72 -12.78 2.90
C PRO D 14 44.07 -11.83 4.04
N SER D 15 43.25 -11.86 5.09
CA SER D 15 43.33 -11.05 6.30
C SER D 15 42.97 -9.59 6.09
N GLU D 16 42.68 -9.17 4.86
CA GLU D 16 42.25 -7.81 4.61
C GLU D 16 40.78 -7.64 5.00
N THR D 17 40.24 -6.45 4.75
CA THR D 17 38.85 -6.15 5.05
C THR D 17 38.07 -6.02 3.75
N LEU D 18 37.01 -6.80 3.62
CA LEU D 18 36.11 -6.67 2.47
C LEU D 18 35.25 -5.43 2.64
N SER D 19 35.00 -4.74 1.53
CA SER D 19 34.25 -3.47 1.56
C SER D 19 33.40 -3.37 0.31
N LEU D 20 32.08 -3.44 0.48
CA LEU D 20 31.13 -3.37 -0.62
C LEU D 20 30.16 -2.21 -0.39
N THR D 21 29.52 -1.80 -1.49
CA THR D 21 28.56 -0.71 -1.46
C THR D 21 27.36 -1.08 -2.30
N CYS D 22 26.17 -0.88 -1.74
CA CYS D 22 24.91 -1.08 -2.45
C CYS D 22 24.19 0.25 -2.53
N THR D 23 23.78 0.63 -3.74
CA THR D 23 23.15 1.92 -4.00
C THR D 23 21.66 1.71 -4.24
N VAL D 24 20.84 2.40 -3.46
CA VAL D 24 19.40 2.27 -3.54
C VAL D 24 18.87 3.30 -4.54
N SER D 25 18.15 2.84 -5.55
CA SER D 25 17.60 3.69 -6.59
C SER D 25 16.08 3.57 -6.60
N GLY D 26 15.41 4.72 -6.70
CA GLY D 26 13.95 4.70 -6.68
C GLY D 26 13.36 6.07 -6.94
N ASP D 27 12.05 6.16 -6.74
CA ASP D 27 11.28 7.37 -7.02
C ASP D 27 11.26 8.23 -5.76
N SER D 28 12.34 9.00 -5.58
CA SER D 28 12.49 9.92 -4.45
C SER D 28 12.23 9.20 -3.12
N ILE D 29 12.85 8.02 -2.99
CA ILE D 29 12.66 7.18 -1.81
C ILE D 29 13.77 7.48 -0.81
N SER D 30 13.42 7.53 0.46
CA SER D 30 14.38 7.75 1.54
C SER D 30 14.75 6.39 2.13
N SER D 31 16.03 6.05 2.09
CA SER D 31 16.50 4.82 2.70
C SER D 31 16.31 4.80 4.21
N SER D 32 16.01 5.95 4.82
CA SER D 32 15.76 6.02 6.26
C SER D 32 14.47 5.31 6.67
N ARG D 33 13.59 5.01 5.71
CA ARG D 33 12.31 4.37 6.00
C ARG D 33 12.33 2.87 5.75
N TYR D 34 13.50 2.29 5.52
CA TYR D 34 13.61 0.86 5.26
C TYR D 34 14.85 0.31 5.93
N TYR D 35 14.88 -1.01 6.08
CA TYR D 35 16.04 -1.73 6.58
C TYR D 35 16.83 -2.27 5.39
N TRP D 36 18.13 -2.46 5.60
CA TRP D 36 19.01 -2.92 4.54
C TRP D 36 19.97 -3.96 5.10
N GLY D 37 20.23 -4.99 4.31
CA GLY D 37 21.05 -6.10 4.78
C GLY D 37 21.89 -6.70 3.67
N TRP D 38 22.66 -7.73 4.04
CA TRP D 38 23.57 -8.39 3.13
C TRP D 38 23.43 -9.90 3.27
N ILE D 39 23.47 -10.59 2.14
CA ILE D 39 23.36 -12.04 2.08
C ILE D 39 24.40 -12.55 1.09
N ARG D 40 25.17 -13.56 1.49
CA ARG D 40 26.20 -14.12 0.63
C ARG D 40 25.90 -15.58 0.32
N GLN D 41 26.52 -16.07 -0.75
CA GLN D 41 26.32 -17.43 -1.23
C GLN D 41 27.64 -17.96 -1.75
N PRO D 42 28.33 -18.82 -0.99
CA PRO D 42 29.53 -19.46 -1.51
C PRO D 42 29.22 -20.27 -2.76
N PRO D 43 30.17 -20.40 -3.66
CA PRO D 43 29.89 -21.14 -4.91
C PRO D 43 29.58 -22.60 -4.62
N GLY D 44 28.45 -23.05 -5.16
CA GLY D 44 27.99 -24.41 -4.93
C GLY D 44 27.37 -24.66 -3.57
N LYS D 45 27.05 -23.61 -2.82
CA LYS D 45 26.52 -23.75 -1.47
C LYS D 45 25.22 -22.96 -1.34
N GLY D 46 24.64 -22.99 -0.15
CA GLY D 46 23.39 -22.33 0.12
C GLY D 46 23.56 -20.85 0.38
N LEU D 47 22.56 -20.28 1.04
CA LEU D 47 22.52 -18.85 1.34
C LEU D 47 22.79 -18.61 2.81
N GLU D 48 23.55 -17.56 3.11
CA GLU D 48 23.85 -17.18 4.49
C GLU D 48 23.50 -15.71 4.68
N TRP D 49 22.63 -15.44 5.65
CA TRP D 49 22.29 -14.07 6.02
C TRP D 49 23.44 -13.46 6.82
N ILE D 50 24.06 -12.41 6.27
CA ILE D 50 25.22 -11.81 6.92
C ILE D 50 24.78 -10.87 8.04
N GLY D 51 23.84 -9.99 7.76
CA GLY D 51 23.35 -9.06 8.76
C GLY D 51 22.47 -8.01 8.12
N THR D 52 21.74 -7.29 8.98
CA THR D 52 20.84 -6.23 8.54
C THR D 52 21.03 -5.00 9.41
N PHE D 53 20.96 -3.84 8.76
CA PHE D 53 20.96 -2.55 9.44
C PHE D 53 19.51 -2.09 9.61
N TYR D 54 19.10 -1.86 10.85
CA TYR D 54 17.76 -1.35 11.13
C TYR D 54 17.79 0.14 11.44
N TYR D 55 18.43 0.51 12.55
CA TYR D 55 18.70 1.90 12.87
C TYR D 55 20.14 1.99 13.36
N SER D 56 20.63 3.22 13.51
CA SER D 56 21.97 3.42 14.02
C SER D 56 22.07 2.91 15.45
N GLY D 57 22.91 1.91 15.67
CA GLY D 57 23.00 1.25 16.96
C GLY D 57 22.09 0.05 17.12
N ILE D 58 21.18 -0.17 16.19
CA ILE D 58 20.32 -1.35 16.21
C ILE D 58 20.58 -2.15 14.94
N THR D 59 21.68 -2.90 14.92
CA THR D 59 22.03 -3.74 13.78
C THR D 59 22.09 -5.19 14.23
N TYR D 60 21.86 -6.09 13.27
CA TYR D 60 22.02 -7.52 13.48
C TYR D 60 23.21 -8.01 12.67
N TYR D 61 24.03 -8.85 13.29
CA TYR D 61 25.16 -9.49 12.61
C TYR D 61 25.12 -10.98 12.90
N ASN D 62 25.34 -11.78 11.85
CA ASN D 62 25.39 -13.23 12.00
C ASN D 62 26.43 -13.59 13.05
N PRO D 63 26.05 -14.24 14.15
CA PRO D 63 27.04 -14.56 15.20
C PRO D 63 28.15 -15.46 14.73
N SER D 64 27.90 -16.30 13.71
CA SER D 64 28.97 -17.13 13.14
C SER D 64 30.03 -16.28 12.45
N LEU D 65 29.71 -15.03 12.13
CA LEU D 65 30.69 -14.10 11.58
C LEU D 65 31.36 -13.24 12.64
N LYS D 66 31.30 -13.65 13.91
CA LYS D 66 32.08 -13.05 14.99
C LYS D 66 31.94 -11.55 15.07
N SER D 67 33.06 -10.85 15.27
CA SER D 67 33.05 -9.42 15.44
C SER D 67 33.55 -8.68 14.19
N ARG D 68 33.64 -9.36 13.06
CA ARG D 68 34.26 -8.79 11.86
C ARG D 68 33.26 -8.22 10.87
N VAL D 69 32.00 -8.02 11.26
CA VAL D 69 30.97 -7.51 10.37
C VAL D 69 30.55 -6.12 10.82
N THR D 70 30.41 -5.21 9.85
CA THR D 70 29.95 -3.85 10.11
C THR D 70 29.13 -3.40 8.91
N ILE D 71 27.95 -2.83 9.19
CA ILE D 71 27.05 -2.33 8.16
C ILE D 71 26.67 -0.90 8.51
N PHE D 72 26.85 0.01 7.55
CA PHE D 72 26.51 1.42 7.73
C PHE D 72 25.59 1.87 6.60
N VAL D 73 24.62 2.70 6.93
CA VAL D 73 23.66 3.23 5.97
C VAL D 73 23.81 4.74 5.88
N ASP D 74 24.00 5.24 4.67
CA ASP D 74 24.09 6.68 4.41
C ASP D 74 22.75 7.12 3.84
N THR D 75 21.92 7.74 4.69
CA THR D 75 20.57 8.11 4.31
C THR D 75 20.49 9.38 3.47
N SER D 76 21.59 10.12 3.31
CA SER D 76 21.61 11.27 2.43
C SER D 76 22.09 10.92 1.02
N LYS D 77 22.85 9.84 0.88
CA LYS D 77 23.32 9.34 -0.41
C LYS D 77 22.50 8.17 -0.92
N ASN D 78 21.65 7.59 -0.07
CA ASN D 78 20.84 6.41 -0.40
C ASN D 78 21.72 5.25 -0.85
N GLN D 79 22.64 4.87 0.03
CA GLN D 79 23.49 3.71 -0.19
C GLN D 79 24.02 3.22 1.15
N PHE D 80 24.25 1.92 1.24
CA PHE D 80 24.78 1.32 2.46
C PHE D 80 25.98 0.46 2.14
N SER D 81 26.71 0.07 3.20
CA SER D 81 28.01 -0.57 3.06
C SER D 81 28.04 -1.87 3.85
N LEU D 82 29.01 -2.72 3.49
CA LEU D 82 29.34 -3.92 4.26
C LEU D 82 30.84 -3.94 4.49
N LYS D 83 31.25 -4.20 5.73
CA LYS D 83 32.65 -4.32 6.08
C LYS D 83 32.87 -5.68 6.72
N LEU D 84 33.76 -6.47 6.12
CA LEU D 84 34.09 -7.81 6.63
C LEU D 84 35.61 -7.91 6.74
N SER D 85 36.10 -7.97 7.98
CA SER D 85 37.53 -7.95 8.24
C SER D 85 38.05 -9.37 8.48
N SER D 86 39.37 -9.52 8.33
CA SER D 86 40.06 -10.79 8.55
C SER D 86 39.50 -11.90 7.66
N VAL D 87 39.49 -11.63 6.35
CA VAL D 87 38.86 -12.55 5.39
C VAL D 87 39.79 -13.73 5.11
N THR D 88 39.18 -14.87 4.82
CA THR D 88 39.90 -16.09 4.44
C THR D 88 39.22 -16.69 3.20
N ALA D 89 39.70 -17.87 2.80
CA ALA D 89 39.09 -18.56 1.66
C ALA D 89 37.65 -18.94 1.94
N ALA D 90 37.26 -19.06 3.20
CA ALA D 90 35.88 -19.34 3.55
C ALA D 90 34.96 -18.16 3.24
N ASP D 91 35.50 -16.99 2.92
CA ASP D 91 34.72 -15.81 2.62
C ASP D 91 34.56 -15.54 1.14
N THR D 92 35.18 -16.36 0.28
CA THR D 92 34.95 -16.26 -1.15
C THR D 92 33.51 -16.66 -1.46
N ALA D 93 32.74 -15.74 -2.01
CA ALA D 93 31.32 -15.97 -2.27
C ALA D 93 30.79 -14.85 -3.14
N VAL D 94 29.58 -15.06 -3.66
CA VAL D 94 28.80 -14.01 -4.30
C VAL D 94 28.01 -13.28 -3.22
N TYR D 95 28.11 -11.96 -3.19
CA TYR D 95 27.50 -11.15 -2.15
C TYR D 95 26.32 -10.37 -2.72
N TYR D 96 25.17 -10.47 -2.06
CA TYR D 96 23.97 -9.74 -2.45
C TYR D 96 23.62 -8.72 -1.38
N CYS D 97 23.19 -7.54 -1.81
CA CYS D 97 22.50 -6.60 -0.92
C CYS D 97 21.01 -6.77 -1.11
N ALA D 98 20.27 -6.80 0.00
CA ALA D 98 18.86 -7.07 -0.01
C ALA D 98 18.13 -6.07 0.87
N ARG D 99 16.83 -5.97 0.65
CA ARG D 99 15.96 -5.18 1.50
C ARG D 99 14.98 -6.10 2.19
N PRO D 100 15.04 -6.25 3.51
CA PRO D 100 14.00 -7.02 4.21
C PRO D 100 12.64 -6.38 4.01
N ARG D 101 11.66 -7.22 3.70
CA ARG D 101 10.32 -6.72 3.42
C ARG D 101 9.73 -6.05 4.66
N PRO D 102 9.26 -4.82 4.56
CA PRO D 102 8.65 -4.15 5.72
C PRO D 102 7.47 -4.95 6.24
N PRO D 103 7.38 -5.15 7.55
CA PRO D 103 6.33 -6.00 8.11
C PRO D 103 4.98 -5.31 8.09
N ASP D 104 3.94 -6.15 8.15
CA ASP D 104 2.58 -5.65 8.23
C ASP D 104 2.25 -5.22 9.66
N TYR D 105 1.13 -4.49 9.80
CA TYR D 105 0.82 -3.81 11.05
C TYR D 105 0.83 -4.76 12.25
N TYR D 106 0.31 -5.98 12.09
CA TYR D 106 0.17 -6.93 13.19
C TYR D 106 1.26 -7.99 13.22
N ASP D 107 2.25 -7.93 12.32
CA ASP D 107 3.33 -8.90 12.33
C ASP D 107 4.18 -8.75 13.59
N ASN D 108 4.55 -9.89 14.17
CA ASN D 108 5.38 -9.91 15.37
C ASN D 108 6.48 -10.96 15.24
N SER D 109 7.01 -11.13 14.03
CA SER D 109 8.13 -12.03 13.82
C SER D 109 9.43 -11.39 14.30
N GLY D 110 10.32 -12.22 14.83
CA GLY D 110 11.62 -11.81 15.29
C GLY D 110 12.65 -11.61 14.20
N ALA D 111 12.34 -11.99 12.98
CA ALA D 111 13.21 -11.75 11.83
C ALA D 111 12.33 -11.34 10.66
N LEU D 112 12.94 -11.22 9.48
CA LEU D 112 12.19 -10.82 8.29
C LEU D 112 12.74 -11.55 7.09
N LEU D 113 11.97 -11.51 6.01
CA LEU D 113 12.37 -12.01 4.71
C LEU D 113 12.77 -10.85 3.82
N PHE D 114 13.45 -11.18 2.72
CA PHE D 114 14.05 -10.18 1.84
C PHE D 114 13.28 -10.17 0.53
N ASP D 115 12.57 -9.07 0.26
CA ASP D 115 11.70 -8.98 -0.90
C ASP D 115 12.34 -8.31 -2.11
N ILE D 116 13.35 -7.46 -1.91
CA ILE D 116 14.06 -6.82 -3.01
C ILE D 116 15.54 -7.13 -2.86
N TRP D 117 16.17 -7.56 -3.96
CA TRP D 117 17.57 -7.96 -3.97
C TRP D 117 18.34 -7.14 -4.99
N GLY D 118 19.66 -7.13 -4.83
CA GLY D 118 20.56 -6.64 -5.86
C GLY D 118 20.88 -7.73 -6.86
N GLN D 119 21.90 -7.47 -7.68
CA GLN D 119 22.30 -8.43 -8.70
C GLN D 119 23.41 -9.37 -8.24
N GLY D 120 24.11 -9.04 -7.16
CA GLY D 120 25.17 -9.88 -6.67
C GLY D 120 26.52 -9.52 -7.24
N THR D 121 27.55 -9.53 -6.40
CA THR D 121 28.92 -9.28 -6.82
C THR D 121 29.82 -10.39 -6.29
N MET D 122 30.70 -10.90 -7.16
CA MET D 122 31.58 -12.00 -6.81
C MET D 122 32.88 -11.46 -6.21
N VAL D 123 33.12 -11.78 -4.94
CA VAL D 123 34.35 -11.41 -4.25
C VAL D 123 35.17 -12.67 -4.02
N THR D 124 36.43 -12.63 -4.46
CA THR D 124 37.35 -13.75 -4.30
C THR D 124 38.45 -13.36 -3.32
N VAL D 125 38.65 -14.16 -2.29
CA VAL D 125 39.70 -13.94 -1.32
C VAL D 125 40.91 -14.77 -1.75
N SER D 126 41.97 -14.09 -2.19
CA SER D 126 43.13 -14.80 -2.71
C SER D 126 44.35 -13.90 -2.63
N SER D 127 45.52 -14.54 -2.60
CA SER D 127 46.80 -13.83 -2.59
C SER D 127 47.28 -13.47 -3.97
N ALA D 128 46.75 -14.11 -5.01
CA ALA D 128 47.24 -13.92 -6.36
C ALA D 128 46.86 -12.53 -6.89
N SER D 129 47.49 -12.16 -7.99
CA SER D 129 47.26 -10.86 -8.62
C SER D 129 46.19 -10.99 -9.70
N THR D 130 45.53 -9.87 -9.99
CA THR D 130 44.56 -9.82 -11.06
C THR D 130 45.25 -10.00 -12.40
N LYS D 131 44.55 -10.65 -13.34
CA LYS D 131 45.09 -10.87 -14.67
C LYS D 131 43.96 -10.78 -15.69
N GLY D 132 44.12 -9.92 -16.67
CA GLY D 132 43.17 -9.81 -17.76
C GLY D 132 43.22 -11.02 -18.66
N PRO D 133 42.11 -11.30 -19.33
CA PRO D 133 42.02 -12.52 -20.15
C PRO D 133 42.57 -12.32 -21.56
N SER D 134 42.99 -13.43 -22.15
CA SER D 134 43.31 -13.50 -23.57
C SER D 134 42.12 -14.09 -24.30
N VAL D 135 41.66 -13.40 -25.35
CA VAL D 135 40.47 -13.79 -26.08
C VAL D 135 40.91 -14.35 -27.43
N PHE D 136 40.63 -15.63 -27.64
CA PHE D 136 40.98 -16.31 -28.88
C PHE D 136 39.74 -16.73 -29.64
N PRO D 137 39.76 -16.68 -30.97
CA PRO D 137 38.57 -17.02 -31.76
C PRO D 137 38.45 -18.51 -32.04
N LEU D 138 37.20 -18.99 -31.97
CA LEU D 138 36.86 -20.36 -32.35
C LEU D 138 36.20 -20.27 -33.72
N ALA D 139 37.01 -20.32 -34.77
CA ALA D 139 36.53 -20.04 -36.11
C ALA D 139 35.59 -21.14 -36.60
N PRO D 140 34.52 -20.78 -37.30
CA PRO D 140 33.65 -21.80 -37.88
C PRO D 140 34.31 -22.45 -39.09
N SER D 141 34.10 -23.76 -39.24
CA SER D 141 34.71 -24.52 -40.32
C SER D 141 33.80 -25.68 -40.68
N SER D 142 34.28 -26.56 -41.57
CA SER D 142 33.49 -27.72 -41.96
C SER D 142 33.31 -28.69 -40.80
N LYS D 143 34.30 -28.78 -39.91
CA LYS D 143 34.17 -29.66 -38.75
C LYS D 143 33.18 -29.10 -37.73
N SER D 144 33.01 -27.79 -37.71
CA SER D 144 32.02 -27.13 -36.84
C SER D 144 30.77 -26.74 -37.62
N THR D 145 30.35 -27.59 -38.56
CA THR D 145 29.15 -27.34 -39.36
C THR D 145 28.26 -28.57 -39.30
N SER D 146 27.00 -28.37 -38.93
CA SER D 146 25.98 -29.43 -38.91
C SER D 146 24.85 -29.00 -39.83
N GLY D 147 24.86 -29.51 -41.06
CA GLY D 147 23.83 -29.12 -42.02
C GLY D 147 24.01 -27.67 -42.44
N GLY D 148 22.93 -26.91 -42.34
CA GLY D 148 22.93 -25.51 -42.72
C GLY D 148 23.31 -24.53 -41.63
N THR D 149 23.59 -25.01 -40.43
CA THR D 149 23.97 -24.15 -39.32
C THR D 149 25.45 -24.39 -38.97
N ALA D 150 26.11 -23.33 -38.53
CA ALA D 150 27.51 -23.38 -38.17
C ALA D 150 27.72 -22.79 -36.78
N ALA D 151 28.76 -23.27 -36.10
CA ALA D 151 29.10 -22.82 -34.76
C ALA D 151 30.40 -22.05 -34.78
N LEU D 152 30.44 -20.96 -34.02
CA LEU D 152 31.66 -20.18 -33.81
C LEU D 152 31.63 -19.66 -32.38
N GLY D 153 32.75 -19.10 -31.92
CA GLY D 153 32.78 -18.62 -30.57
C GLY D 153 34.11 -17.99 -30.20
N CYS D 154 34.27 -17.75 -28.91
CA CYS D 154 35.45 -17.12 -28.34
C CYS D 154 35.93 -17.92 -27.14
N LEU D 155 37.24 -18.06 -27.01
CA LEU D 155 37.86 -18.72 -25.87
C LEU D 155 38.48 -17.65 -24.97
N VAL D 156 37.88 -17.44 -23.81
CA VAL D 156 38.36 -16.47 -22.82
C VAL D 156 39.24 -17.24 -21.83
N LYS D 157 40.55 -17.07 -21.94
CA LYS D 157 41.50 -17.95 -21.27
C LYS D 157 42.46 -17.17 -20.38
N ASP D 158 42.80 -17.77 -19.23
CA ASP D 158 43.86 -17.30 -18.35
C ASP D 158 43.55 -15.91 -17.78
N TYR D 159 42.52 -15.89 -16.93
CA TYR D 159 42.15 -14.68 -16.21
C TYR D 159 41.91 -15.01 -14.74
N PHE D 160 41.91 -13.97 -13.91
CA PHE D 160 41.71 -14.11 -12.48
C PHE D 160 41.43 -12.74 -11.88
N PRO D 161 40.45 -12.62 -10.97
CA PRO D 161 39.55 -13.71 -10.61
C PRO D 161 38.28 -13.69 -11.46
N GLU D 162 37.29 -14.45 -11.04
CA GLU D 162 35.97 -14.36 -11.65
C GLU D 162 35.36 -12.99 -11.35
N PRO D 163 34.40 -12.54 -12.17
CA PRO D 163 33.90 -13.17 -13.39
C PRO D 163 34.27 -12.42 -14.66
N VAL D 164 33.85 -12.97 -15.80
CA VAL D 164 33.87 -12.26 -17.07
C VAL D 164 32.48 -12.33 -17.68
N THR D 165 32.07 -11.25 -18.33
CA THR D 165 30.81 -11.20 -19.05
C THR D 165 31.09 -11.22 -20.55
N VAL D 166 30.32 -12.03 -21.28
CA VAL D 166 30.49 -12.16 -22.72
C VAL D 166 29.16 -11.90 -23.40
N SER D 167 29.15 -10.96 -24.34
CA SER D 167 28.01 -10.69 -25.19
C SER D 167 28.46 -10.76 -26.64
N TRP D 168 27.49 -10.85 -27.55
CA TRP D 168 27.78 -10.96 -28.98
C TRP D 168 27.09 -9.83 -29.73
N ASN D 169 27.85 -9.18 -30.61
CA ASN D 169 27.37 -8.03 -31.38
C ASN D 169 26.72 -6.99 -30.48
N SER D 170 27.37 -6.72 -29.35
CA SER D 170 26.92 -5.72 -28.38
C SER D 170 25.51 -6.00 -27.88
N GLY D 171 25.22 -7.28 -27.63
CA GLY D 171 23.93 -7.68 -27.11
C GLY D 171 22.84 -7.83 -28.14
N ALA D 172 23.10 -7.52 -29.41
CA ALA D 172 22.09 -7.70 -30.45
C ALA D 172 21.90 -9.16 -30.82
N LEU D 173 22.87 -10.02 -30.50
CA LEU D 173 22.81 -11.44 -30.82
C LEU D 173 22.76 -12.21 -29.51
N THR D 174 21.57 -12.68 -29.15
CA THR D 174 21.36 -13.44 -27.92
C THR D 174 20.81 -14.84 -28.15
N SER D 175 20.07 -15.07 -29.23
CA SER D 175 19.51 -16.39 -29.49
C SER D 175 20.61 -17.35 -29.95
N GLY D 176 20.59 -18.56 -29.40
CA GLY D 176 21.57 -19.56 -29.75
C GLY D 176 22.95 -19.37 -29.16
N VAL D 177 23.10 -18.49 -28.16
CA VAL D 177 24.39 -18.22 -27.53
C VAL D 177 24.51 -19.08 -26.28
N HIS D 178 25.66 -19.73 -26.11
CA HIS D 178 25.94 -20.51 -24.91
C HIS D 178 27.29 -20.07 -24.35
N THR D 179 27.26 -19.44 -23.17
CA THR D 179 28.45 -19.05 -22.42
C THR D 179 28.60 -20.02 -21.26
N PHE D 180 29.62 -20.87 -21.31
CA PHE D 180 29.80 -21.93 -20.34
C PHE D 180 30.45 -21.40 -19.06
N PRO D 181 30.16 -22.02 -17.91
CA PRO D 181 30.90 -21.68 -16.69
C PRO D 181 32.39 -21.92 -16.85
N ALA D 182 33.18 -21.16 -16.11
CA ALA D 182 34.63 -21.22 -16.22
C ALA D 182 35.17 -22.39 -15.41
N VAL D 183 36.24 -22.98 -15.92
CA VAL D 183 36.95 -24.05 -15.23
C VAL D 183 38.24 -23.48 -14.67
N LEU D 184 38.56 -23.87 -13.44
CA LEU D 184 39.79 -23.43 -12.80
C LEU D 184 40.92 -24.33 -13.28
N GLN D 185 41.84 -23.76 -14.06
CA GLN D 185 42.94 -24.54 -14.61
C GLN D 185 43.98 -24.85 -13.54
N SER D 186 44.89 -25.76 -13.86
CA SER D 186 45.96 -26.12 -12.93
C SER D 186 46.90 -24.96 -12.65
N SER D 187 46.92 -23.95 -13.52
CA SER D 187 47.74 -22.77 -13.31
C SER D 187 47.15 -21.81 -12.30
N GLY D 188 45.95 -22.07 -11.80
CA GLY D 188 45.25 -21.15 -10.93
C GLY D 188 44.46 -20.08 -11.66
N LEU D 189 44.47 -20.09 -12.99
CA LEU D 189 43.76 -19.10 -13.79
C LEU D 189 42.50 -19.73 -14.38
N TYR D 190 41.42 -18.94 -14.42
CA TYR D 190 40.17 -19.42 -14.97
C TYR D 190 40.20 -19.36 -16.50
N SER D 191 39.25 -20.07 -17.11
CA SER D 191 39.13 -20.11 -18.56
C SER D 191 37.74 -20.62 -18.91
N LEU D 192 37.05 -19.91 -19.79
CA LEU D 192 35.74 -20.34 -20.26
C LEU D 192 35.68 -20.15 -21.77
N SER D 193 34.57 -20.61 -22.36
CA SER D 193 34.28 -20.42 -23.77
C SER D 193 32.84 -19.94 -23.92
N SER D 194 32.57 -19.28 -25.05
CA SER D 194 31.23 -18.82 -25.38
C SER D 194 31.00 -19.10 -26.86
N VAL D 195 29.90 -19.77 -27.18
CA VAL D 195 29.61 -20.18 -28.54
C VAL D 195 28.26 -19.62 -28.97
N VAL D 196 28.06 -19.60 -30.29
CA VAL D 196 26.79 -19.21 -30.88
C VAL D 196 26.65 -19.94 -32.21
N THR D 197 25.44 -20.43 -32.49
CA THR D 197 25.16 -21.13 -33.73
C THR D 197 24.47 -20.16 -34.70
N VAL D 198 25.01 -20.08 -35.92
CA VAL D 198 24.50 -19.16 -36.93
C VAL D 198 24.27 -19.93 -38.22
N PRO D 199 23.42 -19.41 -39.11
CA PRO D 199 23.23 -20.07 -40.40
C PRO D 199 24.50 -20.02 -41.24
N SER D 200 24.74 -21.11 -41.97
CA SER D 200 25.98 -21.21 -42.75
C SER D 200 26.05 -20.13 -43.84
N SER D 201 24.91 -19.77 -44.41
CA SER D 201 24.87 -18.80 -45.51
C SER D 201 25.17 -17.38 -45.05
N SER D 202 25.35 -17.14 -43.75
CA SER D 202 25.63 -15.81 -43.23
C SER D 202 27.09 -15.62 -42.83
N LEU D 203 27.92 -16.66 -42.96
CA LEU D 203 29.26 -16.61 -42.38
C LEU D 203 30.13 -15.55 -43.06
N GLY D 204 30.06 -15.45 -44.38
CA GLY D 204 30.85 -14.45 -45.07
C GLY D 204 30.25 -13.07 -45.13
N THR D 205 28.97 -12.93 -44.81
CA THR D 205 28.26 -11.66 -44.95
C THR D 205 28.02 -10.95 -43.63
N GLN D 206 27.87 -11.69 -42.53
CA GLN D 206 27.60 -11.10 -41.22
C GLN D 206 28.87 -11.13 -40.39
N THR D 207 29.19 -10.01 -39.75
CA THR D 207 30.32 -9.94 -38.82
C THR D 207 29.85 -10.36 -37.44
N TYR D 208 30.69 -11.13 -36.75
CA TYR D 208 30.39 -11.63 -35.42
C TYR D 208 31.51 -11.23 -34.47
N ILE D 209 31.17 -10.41 -33.48
CA ILE D 209 32.13 -9.93 -32.49
C ILE D 209 31.64 -10.34 -31.10
N CYS D 210 32.50 -11.02 -30.35
CA CYS D 210 32.22 -11.29 -28.94
C CYS D 210 32.83 -10.17 -28.09
N ASN D 211 32.09 -9.78 -27.07
CA ASN D 211 32.46 -8.65 -26.22
C ASN D 211 32.76 -9.17 -24.82
N VAL D 212 34.06 -9.33 -24.51
CA VAL D 212 34.50 -9.83 -23.22
C VAL D 212 34.80 -8.66 -22.30
N ASN D 213 34.26 -8.70 -21.09
CA ASN D 213 34.48 -7.66 -20.09
C ASN D 213 34.94 -8.30 -18.80
N HIS D 214 36.15 -7.97 -18.37
CA HIS D 214 36.70 -8.44 -17.10
C HIS D 214 36.86 -7.21 -16.20
N LYS D 215 35.82 -6.93 -15.42
CA LYS D 215 35.84 -5.78 -14.51
C LYS D 215 37.01 -5.77 -13.54
N PRO D 216 37.40 -6.88 -12.90
CA PRO D 216 38.50 -6.81 -11.93
C PRO D 216 39.81 -6.28 -12.49
N SER D 217 40.03 -6.34 -13.80
CA SER D 217 41.23 -5.80 -14.41
C SER D 217 40.94 -4.63 -15.34
N ASN D 218 39.69 -4.16 -15.40
CA ASN D 218 39.27 -3.10 -16.31
C ASN D 218 39.71 -3.42 -17.74
N THR D 219 39.37 -4.62 -18.19
CA THR D 219 39.77 -5.13 -19.49
C THR D 219 38.52 -5.39 -20.33
N LYS D 220 38.41 -4.68 -21.45
CA LYS D 220 37.36 -4.93 -22.43
C LYS D 220 38.02 -5.29 -23.76
N VAL D 221 37.59 -6.40 -24.35
CA VAL D 221 38.11 -6.87 -25.61
C VAL D 221 36.93 -7.16 -26.53
N ASP D 222 37.01 -6.68 -27.77
CA ASP D 222 36.02 -6.97 -28.81
C ASP D 222 36.73 -7.75 -29.91
N LYS D 223 36.44 -9.05 -29.99
CA LYS D 223 37.14 -9.96 -30.89
C LYS D 223 36.22 -10.34 -32.04
N LYS D 224 36.64 -10.05 -33.26
CA LYS D 224 35.90 -10.47 -34.45
C LYS D 224 36.25 -11.92 -34.77
N VAL D 225 35.22 -12.72 -35.05
CA VAL D 225 35.38 -14.15 -35.32
C VAL D 225 34.99 -14.38 -36.78
N GLU D 226 35.96 -14.78 -37.60
CA GLU D 226 35.76 -15.03 -39.01
C GLU D 226 36.10 -16.47 -39.35
N PRO D 227 35.50 -17.02 -40.41
CA PRO D 227 35.88 -18.37 -40.86
C PRO D 227 37.32 -18.37 -41.35
N LYS D 228 38.11 -19.32 -40.86
CA LYS D 228 39.53 -19.37 -41.18
C LYS D 228 39.77 -19.77 -42.63
N ALA E 1 19.39 -21.13 17.25
CA ALA E 1 19.42 -21.39 15.82
C ALA E 1 18.51 -22.55 15.44
N ILE E 2 17.55 -22.29 14.56
CA ILE E 2 16.61 -23.30 14.08
C ILE E 2 17.08 -23.78 12.72
N ARG E 3 17.14 -25.10 12.54
CA ARG E 3 17.61 -25.68 11.29
C ARG E 3 16.43 -26.07 10.41
N MET E 4 16.50 -25.69 9.15
CA MET E 4 15.47 -25.99 8.17
C MET E 4 15.95 -27.09 7.23
N THR E 5 15.08 -28.06 6.96
CA THR E 5 15.40 -29.21 6.13
C THR E 5 14.44 -29.27 4.96
N GLN E 6 14.97 -29.20 3.74
CA GLN E 6 14.19 -29.34 2.53
C GLN E 6 14.33 -30.75 1.98
N SER E 7 13.22 -31.31 1.49
CA SER E 7 13.21 -32.61 0.86
C SER E 7 12.24 -32.58 -0.31
N PRO E 8 12.63 -33.10 -1.47
CA PRO E 8 13.97 -33.66 -1.70
C PRO E 8 15.00 -32.57 -2.00
N SER E 9 16.26 -32.96 -2.17
CA SER E 9 17.28 -31.98 -2.52
C SER E 9 17.27 -31.69 -4.02
N THR E 10 17.00 -32.71 -4.83
CA THR E 10 16.86 -32.54 -6.27
C THR E 10 15.66 -33.35 -6.75
N LEU E 11 14.99 -32.83 -7.78
CA LEU E 11 13.87 -33.53 -8.39
C LEU E 11 13.82 -33.19 -9.87
N SER E 12 13.20 -34.08 -10.64
CA SER E 12 12.99 -33.91 -12.06
C SER E 12 11.53 -34.15 -12.37
N ALA E 13 10.88 -33.17 -13.01
CA ALA E 13 9.45 -33.26 -13.27
C ALA E 13 9.17 -32.82 -14.70
N SER E 14 8.09 -33.36 -15.26
CA SER E 14 7.69 -33.03 -16.62
C SER E 14 6.94 -31.71 -16.66
N VAL E 15 6.77 -31.18 -17.87
CA VAL E 15 6.00 -29.96 -18.05
C VAL E 15 4.53 -30.25 -17.78
N GLY E 16 3.90 -29.40 -16.98
CA GLY E 16 2.52 -29.59 -16.59
C GLY E 16 2.32 -30.40 -15.32
N ASP E 17 3.39 -30.98 -14.77
CA ASP E 17 3.28 -31.78 -13.56
C ASP E 17 2.99 -30.90 -12.36
N ARG E 18 2.62 -31.54 -11.25
CA ARG E 18 2.39 -30.88 -9.97
C ARG E 18 3.60 -31.18 -9.09
N VAL E 19 4.42 -30.16 -8.84
CA VAL E 19 5.63 -30.30 -8.04
C VAL E 19 5.33 -29.89 -6.61
N THR E 20 5.85 -30.65 -5.65
CA THR E 20 5.68 -30.38 -4.23
C THR E 20 7.03 -30.45 -3.55
N ILE E 21 7.36 -29.42 -2.77
CA ILE E 21 8.63 -29.34 -2.05
C ILE E 21 8.30 -29.16 -0.57
N ALA E 22 8.82 -30.04 0.26
CA ALA E 22 8.60 -30.00 1.70
C ALA E 22 9.75 -29.31 2.41
N CYS E 23 9.42 -28.53 3.44
CA CYS E 23 10.39 -27.85 4.28
C CYS E 23 10.04 -28.15 5.73
N ARG E 24 11.03 -28.58 6.50
CA ARG E 24 10.82 -29.02 7.88
C ARG E 24 11.69 -28.20 8.82
N ALA E 25 11.07 -27.72 9.90
CA ALA E 25 11.78 -26.97 10.93
C ALA E 25 12.01 -27.85 12.14
N SER E 26 13.18 -27.70 12.76
CA SER E 26 13.50 -28.47 13.97
C SER E 26 12.59 -28.12 15.13
N GLN E 27 11.96 -26.94 15.11
CA GLN E 27 10.98 -26.56 16.10
C GLN E 27 9.97 -25.63 15.45
N SER E 28 8.83 -25.46 16.13
CA SER E 28 7.74 -24.68 15.57
C SER E 28 8.17 -23.24 15.29
N ILE E 29 7.93 -22.79 14.06
CA ILE E 29 8.19 -21.41 13.67
C ILE E 29 6.88 -20.68 13.40
N SER E 30 5.78 -21.14 13.98
CA SER E 30 4.44 -20.64 13.70
C SER E 30 4.16 -20.72 12.20
N ALA E 31 4.10 -19.56 11.55
CA ALA E 31 3.93 -19.51 10.10
C ALA E 31 4.91 -18.55 9.45
N TRP E 32 5.94 -18.11 10.16
CA TRP E 32 6.91 -17.15 9.64
C TRP E 32 7.94 -17.89 8.78
N LEU E 33 7.47 -18.34 7.61
CA LEU E 33 8.30 -19.06 6.67
C LEU E 33 8.12 -18.46 5.28
N ALA E 34 9.24 -18.27 4.57
CA ALA E 34 9.24 -17.71 3.23
C ALA E 34 9.78 -18.73 2.24
N TRP E 35 9.42 -18.55 0.97
CA TRP E 35 9.88 -19.39 -0.12
C TRP E 35 10.56 -18.52 -1.16
N TYR E 36 11.71 -18.97 -1.65
CA TYR E 36 12.48 -18.23 -2.64
C TYR E 36 12.70 -19.08 -3.88
N GLN E 37 12.79 -18.41 -5.03
CA GLN E 37 13.17 -19.02 -6.30
C GLN E 37 14.44 -18.35 -6.79
N GLN E 38 15.47 -19.15 -7.06
CA GLN E 38 16.74 -18.65 -7.57
C GLN E 38 17.04 -19.34 -8.90
N LYS E 39 17.00 -18.58 -9.96
CA LYS E 39 17.42 -19.08 -11.26
C LYS E 39 18.91 -18.86 -11.46
N PRO E 40 19.57 -19.70 -12.25
CA PRO E 40 21.04 -19.64 -12.35
C PRO E 40 21.52 -18.27 -12.81
N GLY E 41 22.52 -17.75 -12.10
CA GLY E 41 23.06 -16.44 -12.42
C GLY E 41 22.17 -15.29 -12.01
N LYS E 42 21.20 -15.54 -11.13
CA LYS E 42 20.27 -14.51 -10.69
C LYS E 42 20.20 -14.50 -9.17
N ALA E 43 19.80 -13.36 -8.62
CA ALA E 43 19.53 -13.28 -7.20
C ALA E 43 18.26 -14.06 -6.86
N PRO E 44 18.12 -14.52 -5.62
CA PRO E 44 16.88 -15.18 -5.21
C PRO E 44 15.71 -14.23 -5.35
N LYS E 45 14.55 -14.78 -5.71
CA LYS E 45 13.32 -14.04 -5.89
C LYS E 45 12.29 -14.53 -4.87
N LEU E 46 11.77 -13.62 -4.06
CA LEU E 46 10.82 -14.00 -3.03
C LEU E 46 9.48 -14.38 -3.64
N LEU E 47 9.02 -15.60 -3.38
CA LEU E 47 7.74 -16.08 -3.89
C LEU E 47 6.64 -16.00 -2.82
N ILE E 48 6.86 -16.62 -1.67
CA ILE E 48 5.84 -16.78 -0.65
C ILE E 48 6.33 -16.13 0.64
N TYR E 49 5.42 -15.49 1.36
CA TYR E 49 5.69 -15.03 2.72
C TYR E 49 4.53 -15.44 3.61
N LYS E 50 4.81 -15.55 4.91
CA LYS E 50 3.85 -16.08 5.88
C LYS E 50 3.33 -17.44 5.46
N ALA E 51 4.23 -18.27 4.94
CA ALA E 51 3.97 -19.67 4.57
C ALA E 51 3.00 -19.81 3.41
N SER E 52 2.03 -18.89 3.28
CA SER E 52 1.00 -19.05 2.26
C SER E 52 0.66 -17.78 1.49
N SER E 53 1.14 -16.61 1.88
CA SER E 53 0.81 -15.38 1.18
C SER E 53 1.71 -15.21 -0.04
N LEU E 54 1.10 -14.92 -1.18
CA LEU E 54 1.81 -14.82 -2.45
C LEU E 54 2.29 -13.39 -2.68
N GLU E 55 3.53 -13.26 -3.15
CA GLU E 55 4.08 -11.94 -3.43
C GLU E 55 3.47 -11.36 -4.70
N SER E 56 3.47 -10.03 -4.79
CA SER E 56 2.91 -9.37 -5.96
C SER E 56 3.79 -9.61 -7.18
N GLY E 57 3.16 -10.08 -8.26
CA GLY E 57 3.88 -10.37 -9.49
C GLY E 57 4.27 -11.82 -9.66
N VAL E 58 3.86 -12.71 -8.78
CA VAL E 58 4.19 -14.13 -8.86
C VAL E 58 2.97 -14.86 -9.41
N PRO E 59 3.14 -15.77 -10.38
CA PRO E 59 1.99 -16.46 -10.96
C PRO E 59 1.19 -17.22 -9.92
N SER E 60 -0.11 -17.36 -10.19
CA SER E 60 -1.02 -18.02 -9.25
C SER E 60 -0.74 -19.50 -9.10
N ARG E 61 0.02 -20.10 -10.01
CA ARG E 61 0.27 -21.54 -9.94
C ARG E 61 1.20 -21.90 -8.78
N PHE E 62 1.91 -20.93 -8.22
CA PHE E 62 2.69 -21.17 -7.02
C PHE E 62 1.79 -21.02 -5.79
N SER E 63 1.96 -21.92 -4.84
CA SER E 63 1.18 -21.86 -3.60
C SER E 63 1.98 -22.50 -2.49
N GLY E 64 1.75 -22.04 -1.27
CA GLY E 64 2.41 -22.59 -0.10
C GLY E 64 1.42 -22.81 1.01
N SER E 65 1.72 -23.79 1.86
CA SER E 65 0.89 -24.11 3.01
C SER E 65 1.78 -24.68 4.10
N GLY E 66 1.17 -24.96 5.25
CA GLY E 66 1.91 -25.50 6.38
C GLY E 66 1.88 -24.60 7.60
N SER E 67 2.11 -25.18 8.77
CA SER E 67 2.15 -24.43 10.01
C SER E 67 2.89 -25.27 11.05
N GLY E 68 3.58 -24.58 11.95
CA GLY E 68 4.35 -25.27 12.97
C GLY E 68 5.73 -25.68 12.51
N THR E 69 5.90 -26.96 12.15
CA THR E 69 7.20 -27.49 11.81
C THR E 69 7.35 -27.97 10.37
N GLU E 70 6.26 -28.32 9.70
CA GLU E 70 6.32 -28.86 8.35
C GLU E 70 5.57 -27.95 7.39
N PHE E 71 6.24 -27.57 6.30
CA PHE E 71 5.68 -26.65 5.31
C PHE E 71 5.84 -27.26 3.92
N THR E 72 5.03 -26.75 2.99
CA THR E 72 4.95 -27.32 1.65
C THR E 72 4.83 -26.22 0.61
N LEU E 73 5.68 -26.29 -0.41
CA LEU E 73 5.57 -25.45 -1.59
C LEU E 73 5.04 -26.28 -2.75
N THR E 74 4.06 -25.75 -3.47
CA THR E 74 3.42 -26.45 -4.57
C THR E 74 3.55 -25.63 -5.85
N ILE E 75 4.01 -26.27 -6.92
CA ILE E 75 4.08 -25.65 -8.24
C ILE E 75 3.09 -26.41 -9.12
N ASN E 76 1.90 -25.85 -9.30
CA ASN E 76 0.94 -26.41 -10.23
C ASN E 76 1.35 -26.08 -11.66
N SER E 77 1.17 -27.05 -12.56
CA SER E 77 1.46 -26.87 -13.98
C SER E 77 2.86 -26.33 -14.20
N LEU E 78 3.83 -27.20 -13.96
CA LEU E 78 5.24 -26.82 -14.07
C LEU E 78 5.57 -26.35 -15.48
N GLN E 79 6.19 -25.16 -15.57
CA GLN E 79 6.61 -24.56 -16.83
C GLN E 79 8.12 -24.73 -17.02
N PRO E 80 8.59 -24.76 -18.27
CA PRO E 80 10.05 -24.84 -18.49
C PRO E 80 10.82 -23.71 -17.84
N ASP E 81 10.23 -22.51 -17.75
CA ASP E 81 10.89 -21.38 -17.11
C ASP E 81 11.06 -21.59 -15.61
N ASP E 82 10.31 -22.52 -15.01
CA ASP E 82 10.37 -22.75 -13.57
C ASP E 82 11.60 -23.54 -13.14
N PHE E 83 12.52 -23.83 -14.05
CA PHE E 83 13.77 -24.49 -13.66
C PHE E 83 14.59 -23.54 -12.78
N ALA E 84 14.81 -23.94 -11.53
CA ALA E 84 15.52 -23.09 -10.57
C ALA E 84 15.84 -23.93 -9.33
N THR E 85 16.46 -23.29 -8.36
CA THR E 85 16.67 -23.84 -7.03
C THR E 85 15.80 -23.07 -6.06
N TYR E 86 15.04 -23.78 -5.24
CA TYR E 86 14.08 -23.16 -4.34
C TYR E 86 14.53 -23.31 -2.90
N TYR E 87 14.42 -22.21 -2.14
CA TYR E 87 14.84 -22.16 -0.75
C TYR E 87 13.66 -21.79 0.14
N CYS E 88 13.57 -22.45 1.29
CA CYS E 88 12.68 -22.00 2.35
C CYS E 88 13.51 -21.30 3.42
N GLN E 89 12.92 -20.28 4.03
CA GLN E 89 13.59 -19.48 5.05
C GLN E 89 12.63 -19.23 6.20
N GLN E 90 13.02 -19.65 7.39
CA GLN E 90 12.30 -19.25 8.59
C GLN E 90 12.75 -17.85 9.01
N TYR E 91 11.81 -17.08 9.55
CA TYR E 91 12.12 -15.76 10.08
C TYR E 91 11.35 -15.52 11.36
N ILE E 92 11.21 -16.55 12.19
CA ILE E 92 10.65 -16.38 13.52
C ILE E 92 11.65 -15.66 14.43
N SER E 93 12.96 -15.81 14.17
CA SER E 93 13.98 -15.22 15.01
C SER E 93 15.25 -14.99 14.19
N SER E 94 15.94 -13.90 14.49
CA SER E 94 17.22 -13.58 13.85
C SER E 94 18.29 -14.47 14.47
N SER E 95 18.66 -15.53 13.76
CA SER E 95 19.61 -16.51 14.25
C SER E 95 20.37 -17.08 13.07
N PRO E 96 21.50 -17.76 13.31
CA PRO E 96 22.19 -18.43 12.21
C PRO E 96 21.38 -19.59 11.65
N TRP E 97 21.76 -20.01 10.44
CA TRP E 97 21.11 -21.13 9.73
C TRP E 97 19.64 -20.81 9.43
N THR E 98 19.42 -19.72 8.69
CA THR E 98 18.05 -19.28 8.43
C THR E 98 17.47 -19.86 7.15
N PHE E 99 18.28 -20.12 6.13
CA PHE E 99 17.80 -20.68 4.88
C PHE E 99 17.90 -22.20 4.89
N GLY E 100 17.03 -22.84 4.13
CA GLY E 100 17.17 -24.27 3.89
C GLY E 100 18.29 -24.55 2.90
N GLN E 101 18.60 -25.84 2.74
CA GLN E 101 19.69 -26.21 1.86
C GLN E 101 19.34 -26.02 0.39
N GLY E 102 18.05 -25.97 0.06
CA GLY E 102 17.64 -25.73 -1.30
C GLY E 102 17.18 -27.01 -2.00
N THR E 103 16.26 -26.85 -2.95
CA THR E 103 15.77 -27.94 -3.77
C THR E 103 15.91 -27.54 -5.23
N LYS E 104 16.66 -28.31 -6.00
CA LYS E 104 16.91 -28.01 -7.41
C LYS E 104 15.88 -28.74 -8.26
N VAL E 105 15.08 -27.98 -9.00
CA VAL E 105 13.98 -28.51 -9.79
C VAL E 105 14.41 -28.53 -11.25
N GLU E 106 14.54 -29.73 -11.81
CA GLU E 106 14.90 -29.91 -13.21
C GLU E 106 13.67 -30.26 -14.03
N ILE E 107 13.67 -29.79 -15.28
CA ILE E 107 12.53 -30.00 -16.17
C ILE E 107 12.78 -31.25 -17.01
N LYS E 108 11.86 -32.21 -16.92
CA LYS E 108 11.95 -33.43 -17.69
C LYS E 108 11.43 -33.20 -19.10
N ARG E 109 12.17 -33.64 -20.11
CA ARG E 109 11.79 -33.44 -21.49
C ARG E 109 12.21 -34.65 -22.32
N THR E 110 11.87 -34.62 -23.61
CA THR E 110 12.17 -35.72 -24.49
C THR E 110 13.66 -35.77 -24.83
N VAL E 111 14.16 -36.97 -25.10
CA VAL E 111 15.58 -37.16 -25.41
C VAL E 111 15.94 -36.39 -26.67
N ALA E 112 17.11 -35.75 -26.64
CA ALA E 112 17.60 -34.98 -27.78
C ALA E 112 19.10 -35.21 -27.90
N ALA E 113 19.53 -35.71 -29.05
CA ALA E 113 20.95 -35.95 -29.28
C ALA E 113 21.69 -34.64 -29.45
N PRO E 114 22.96 -34.58 -29.05
CA PRO E 114 23.72 -33.33 -29.15
C PRO E 114 24.27 -33.10 -30.55
N SER E 115 24.40 -31.81 -30.89
CA SER E 115 25.13 -31.40 -32.08
C SER E 115 26.59 -31.21 -31.69
N VAL E 116 27.48 -31.98 -32.31
CA VAL E 116 28.88 -32.04 -31.93
C VAL E 116 29.71 -31.21 -32.89
N PHE E 117 30.54 -30.33 -32.34
CA PHE E 117 31.46 -29.50 -33.10
C PHE E 117 32.84 -29.55 -32.45
N ILE E 118 33.88 -29.45 -33.27
CA ILE E 118 35.26 -29.41 -32.79
C ILE E 118 35.95 -28.19 -33.37
N PHE E 119 36.81 -27.56 -32.57
CA PHE E 119 37.50 -26.34 -32.96
C PHE E 119 38.99 -26.54 -32.79
N PRO E 120 39.80 -26.35 -33.82
CA PRO E 120 41.25 -26.36 -33.65
C PRO E 120 41.72 -25.10 -32.95
N PRO E 121 42.92 -25.11 -32.37
CA PRO E 121 43.44 -23.89 -31.76
C PRO E 121 43.66 -22.80 -32.80
N SER E 122 43.49 -21.56 -32.39
CA SER E 122 43.64 -20.43 -33.30
C SER E 122 45.11 -20.12 -33.52
N ASP E 123 45.39 -19.40 -34.60
CA ASP E 123 46.76 -18.97 -34.88
C ASP E 123 47.26 -18.00 -33.82
N GLU E 124 46.37 -17.19 -33.25
CA GLU E 124 46.76 -16.25 -32.21
C GLU E 124 47.21 -16.97 -30.95
N GLN E 125 46.50 -18.04 -30.57
CA GLN E 125 46.91 -18.81 -29.40
C GLN E 125 48.14 -19.65 -29.68
N LEU E 126 48.26 -20.19 -30.90
CA LEU E 126 49.44 -20.96 -31.25
C LEU E 126 50.69 -20.11 -31.25
N LYS E 127 50.56 -18.81 -31.51
CA LYS E 127 51.67 -17.88 -31.44
C LYS E 127 51.86 -17.30 -30.05
N SER E 128 51.21 -17.89 -29.04
CA SER E 128 51.47 -17.56 -27.65
C SER E 128 52.11 -18.70 -26.87
N GLY E 129 52.28 -19.89 -27.48
CA GLY E 129 52.94 -21.01 -26.84
C GLY E 129 52.03 -22.14 -26.42
N THR E 130 50.71 -21.95 -26.44
CA THR E 130 49.77 -22.94 -25.97
C THR E 130 48.81 -23.33 -27.10
N ALA E 131 48.19 -24.50 -26.94
CA ALA E 131 47.25 -25.02 -27.93
C ALA E 131 46.06 -25.60 -27.20
N SER E 132 44.88 -25.00 -27.39
CA SER E 132 43.63 -25.49 -26.83
C SER E 132 42.74 -25.99 -27.96
N VAL E 133 42.19 -27.20 -27.78
CA VAL E 133 41.23 -27.78 -28.71
C VAL E 133 39.90 -27.88 -27.99
N VAL E 134 38.85 -27.32 -28.61
CA VAL E 134 37.53 -27.22 -27.99
C VAL E 134 36.58 -28.16 -28.72
N CYS E 135 35.89 -29.01 -27.96
CA CYS E 135 34.81 -29.85 -28.45
C CYS E 135 33.50 -29.31 -27.88
N LEU E 136 32.48 -29.21 -28.72
CA LEU E 136 31.20 -28.62 -28.34
C LEU E 136 30.07 -29.63 -28.48
N LEU E 137 29.29 -29.79 -27.42
CA LEU E 137 28.05 -30.55 -27.44
C LEU E 137 26.91 -29.56 -27.22
N ASN E 138 26.05 -29.39 -28.22
CA ASN E 138 25.09 -28.31 -28.25
C ASN E 138 23.67 -28.86 -28.16
N ASN E 139 22.90 -28.39 -27.17
CA ASN E 139 21.48 -28.66 -27.05
C ASN E 139 21.17 -30.15 -26.99
N PHE E 140 21.27 -30.74 -25.80
CA PHE E 140 20.98 -32.16 -25.62
C PHE E 140 20.32 -32.38 -24.27
N TYR E 141 19.72 -33.56 -24.11
CA TYR E 141 19.05 -33.98 -22.90
C TYR E 141 19.01 -35.51 -22.94
N PRO E 142 19.28 -36.19 -21.81
CA PRO E 142 19.57 -35.62 -20.49
C PRO E 142 20.99 -35.08 -20.32
N ARG E 143 21.29 -34.64 -19.09
CA ARG E 143 22.56 -33.98 -18.80
C ARG E 143 23.75 -34.92 -18.98
N GLU E 144 23.56 -36.22 -18.74
CA GLU E 144 24.66 -37.16 -18.76
C GLU E 144 25.24 -37.29 -20.17
N ALA E 145 26.55 -37.09 -20.28
CA ALA E 145 27.25 -37.20 -21.56
C ALA E 145 28.71 -37.51 -21.30
N LYS E 146 29.32 -38.21 -22.26
CA LYS E 146 30.70 -38.68 -22.13
C LYS E 146 31.51 -38.19 -23.32
N VAL E 147 32.69 -37.63 -23.05
CA VAL E 147 33.55 -37.07 -24.08
C VAL E 147 34.94 -37.67 -23.90
N GLN E 148 35.46 -38.31 -24.95
CA GLN E 148 36.77 -38.92 -24.94
C GLN E 148 37.64 -38.23 -25.99
N TRP E 149 38.78 -37.70 -25.54
CA TRP E 149 39.74 -37.06 -26.44
C TRP E 149 40.72 -38.11 -26.97
N LYS E 150 40.75 -38.27 -28.29
CA LYS E 150 41.68 -39.17 -28.94
C LYS E 150 42.65 -38.36 -29.81
N VAL E 151 43.94 -38.58 -29.59
CA VAL E 151 45.00 -37.92 -30.34
C VAL E 151 45.81 -39.00 -31.04
N ASP E 152 45.66 -39.10 -32.36
CA ASP E 152 46.26 -40.18 -33.15
C ASP E 152 45.87 -41.54 -32.59
N ASN E 153 44.59 -41.66 -32.23
CA ASN E 153 43.96 -42.86 -31.66
C ASN E 153 44.46 -43.17 -30.25
N ALA E 154 45.28 -42.30 -29.68
CA ALA E 154 45.72 -42.45 -28.30
C ALA E 154 44.71 -41.73 -27.40
N LEU E 155 43.96 -42.52 -26.63
CA LEU E 155 43.02 -41.94 -25.68
C LEU E 155 43.76 -41.06 -24.68
N GLN E 156 43.22 -39.87 -24.43
CA GLN E 156 43.84 -38.90 -23.55
C GLN E 156 43.07 -38.81 -22.24
N SER E 157 43.80 -38.49 -21.17
CA SER E 157 43.21 -38.31 -19.85
C SER E 157 44.11 -37.40 -19.04
N GLY E 158 43.49 -36.51 -18.26
CA GLY E 158 44.23 -35.61 -17.40
C GLY E 158 44.69 -34.32 -18.05
N ASN E 159 44.38 -34.10 -19.32
CA ASN E 159 44.79 -32.89 -20.03
C ASN E 159 43.59 -32.16 -20.61
N SER E 160 42.42 -32.29 -19.98
CA SER E 160 41.21 -31.66 -20.48
C SER E 160 40.26 -31.38 -19.33
N GLN E 161 39.38 -30.41 -19.54
CA GLN E 161 38.38 -30.02 -18.55
C GLN E 161 37.04 -29.82 -19.27
N GLU E 162 35.95 -30.05 -18.54
CA GLU E 162 34.61 -29.96 -19.08
C GLU E 162 33.81 -28.88 -18.36
N SER E 163 32.75 -28.44 -19.02
CA SER E 163 31.85 -27.42 -18.49
C SER E 163 30.48 -27.61 -19.12
N VAL E 164 29.44 -27.61 -18.27
CA VAL E 164 28.07 -27.83 -18.71
C VAL E 164 27.24 -26.61 -18.33
N THR E 165 26.47 -26.11 -19.29
CA THR E 165 25.54 -25.02 -18.99
C THR E 165 24.40 -25.51 -18.11
N GLU E 166 23.78 -24.58 -17.41
CA GLU E 166 22.54 -24.89 -16.73
C GLU E 166 21.45 -25.18 -17.75
N GLN E 167 20.37 -25.79 -17.28
CA GLN E 167 19.28 -26.16 -18.18
C GLN E 167 18.68 -24.90 -18.79
N ASP E 168 18.43 -24.96 -20.10
CA ASP E 168 17.90 -23.80 -20.81
C ASP E 168 16.44 -23.56 -20.43
N SER E 169 16.10 -22.30 -20.16
CA SER E 169 14.77 -21.95 -19.70
C SER E 169 13.72 -21.95 -20.81
N LYS E 170 14.09 -22.34 -22.02
CA LYS E 170 13.16 -22.36 -23.14
C LYS E 170 12.91 -23.77 -23.68
N ASP E 171 13.96 -24.50 -24.05
CA ASP E 171 13.82 -25.84 -24.57
C ASP E 171 14.31 -26.92 -23.62
N SER E 172 14.81 -26.53 -22.43
CA SER E 172 15.16 -27.46 -21.36
C SER E 172 16.30 -28.41 -21.77
N THR E 173 17.26 -27.89 -22.53
CA THR E 173 18.41 -28.67 -22.96
C THR E 173 19.67 -28.18 -22.26
N TYR E 174 20.73 -29.00 -22.38
CA TYR E 174 22.03 -28.67 -21.84
C TYR E 174 23.04 -28.54 -22.97
N SER E 175 24.20 -27.97 -22.64
CA SER E 175 25.29 -27.85 -23.59
C SER E 175 26.61 -28.03 -22.84
N LEU E 176 27.59 -28.60 -23.53
CA LEU E 176 28.85 -28.97 -22.92
C LEU E 176 29.99 -28.57 -23.84
N SER E 177 31.10 -28.14 -23.24
CA SER E 177 32.32 -27.83 -23.99
C SER E 177 33.51 -28.42 -23.24
N SER E 178 34.26 -29.29 -23.91
CA SER E 178 35.46 -29.88 -23.37
C SER E 178 36.68 -29.27 -24.07
N THR E 179 37.64 -28.80 -23.27
CA THR E 179 38.83 -28.12 -23.78
C THR E 179 40.05 -28.98 -23.53
N LEU E 180 40.73 -29.37 -24.60
CA LEU E 180 41.98 -30.12 -24.53
C LEU E 180 43.13 -29.12 -24.70
N THR E 181 43.81 -28.81 -23.60
CA THR E 181 44.89 -27.84 -23.60
C THR E 181 46.23 -28.56 -23.70
N LEU E 182 47.02 -28.21 -24.72
CA LEU E 182 48.34 -28.78 -24.92
C LEU E 182 49.35 -27.67 -25.17
N SER E 183 50.62 -27.97 -24.92
CA SER E 183 51.68 -27.08 -25.31
C SER E 183 51.80 -27.07 -26.84
N LYS E 184 52.25 -25.93 -27.37
CA LYS E 184 52.43 -25.83 -28.82
C LYS E 184 53.37 -26.89 -29.35
N ALA E 185 54.39 -27.26 -28.57
CA ALA E 185 55.31 -28.31 -29.00
C ALA E 185 54.59 -29.65 -29.10
N ASP E 186 53.91 -30.07 -28.03
CA ASP E 186 53.22 -31.35 -28.04
C ASP E 186 52.09 -31.37 -29.05
N TYR E 187 51.46 -30.22 -29.30
CA TYR E 187 50.45 -30.15 -30.34
C TYR E 187 51.08 -30.34 -31.72
N GLU E 188 52.30 -29.83 -31.90
CA GLU E 188 53.01 -29.94 -33.16
C GLU E 188 53.56 -31.34 -33.42
N LYS E 189 53.36 -32.28 -32.49
CA LYS E 189 53.90 -33.63 -32.63
C LYS E 189 52.89 -34.63 -33.18
N HIS E 190 51.61 -34.28 -33.23
CA HIS E 190 50.57 -35.20 -33.65
C HIS E 190 49.71 -34.57 -34.73
N LYS E 191 49.01 -35.42 -35.48
CA LYS E 191 48.24 -34.99 -36.64
C LYS E 191 46.74 -35.02 -36.42
N VAL E 192 46.19 -36.14 -35.97
CA VAL E 192 44.75 -36.33 -35.90
C VAL E 192 44.28 -36.10 -34.47
N TYR E 193 43.34 -35.16 -34.31
CA TYR E 193 42.72 -34.86 -33.02
C TYR E 193 41.22 -35.07 -33.14
N ALA E 194 40.63 -35.69 -32.11
CA ALA E 194 39.22 -36.03 -32.18
C ALA E 194 38.64 -36.18 -30.77
N CYS E 195 37.37 -35.80 -30.64
CA CYS E 195 36.58 -36.07 -29.45
C CYS E 195 35.46 -37.03 -29.82
N GLU E 196 35.27 -38.07 -29.01
CA GLU E 196 34.22 -39.06 -29.22
C GLU E 196 33.11 -38.83 -28.20
N VAL E 197 31.87 -38.74 -28.69
CA VAL E 197 30.73 -38.37 -27.88
C VAL E 197 29.77 -39.55 -27.83
N THR E 198 29.35 -39.92 -26.62
CA THR E 198 28.29 -40.90 -26.41
C THR E 198 27.16 -40.25 -25.63
N HIS E 199 25.93 -40.60 -25.99
CA HIS E 199 24.76 -40.01 -25.37
C HIS E 199 23.57 -40.93 -25.59
N GLN E 200 22.54 -40.75 -24.74
CA GLN E 200 21.34 -41.57 -24.85
C GLN E 200 20.65 -41.37 -26.20
N GLY E 201 20.77 -40.19 -26.80
CA GLY E 201 20.16 -39.87 -28.07
C GLY E 201 20.97 -40.28 -29.28
N LEU E 202 22.16 -40.84 -29.08
CA LEU E 202 23.03 -41.27 -30.18
C LEU E 202 23.03 -42.80 -30.19
N SER E 203 22.46 -43.39 -31.25
CA SER E 203 22.58 -44.83 -31.41
C SER E 203 24.02 -45.25 -31.59
N SER E 204 24.84 -44.39 -32.21
CA SER E 204 26.27 -44.59 -32.40
C SER E 204 27.06 -43.44 -31.80
N PRO E 205 28.24 -43.71 -31.24
CA PRO E 205 29.13 -42.62 -30.84
C PRO E 205 29.49 -41.75 -32.04
N VAL E 206 29.44 -40.43 -31.83
CA VAL E 206 29.81 -39.46 -32.85
C VAL E 206 31.23 -39.00 -32.59
N THR E 207 32.01 -38.85 -33.65
CA THR E 207 33.42 -38.46 -33.54
C THR E 207 33.72 -37.39 -34.58
N LYS E 208 33.88 -36.15 -34.13
CA LYS E 208 34.39 -35.08 -34.97
C LYS E 208 35.90 -35.05 -34.87
N SER E 209 36.57 -34.78 -35.99
CA SER E 209 38.02 -34.83 -36.01
C SER E 209 38.56 -33.83 -37.03
N PHE E 210 39.81 -33.44 -36.83
CA PHE E 210 40.53 -32.62 -37.79
C PHE E 210 41.99 -33.09 -37.83
N ASN E 211 42.67 -32.71 -38.91
CA ASN E 211 44.09 -32.99 -39.07
C ASN E 211 44.85 -31.67 -39.03
N ARG E 212 45.88 -31.61 -38.18
CA ARG E 212 46.70 -30.41 -38.07
C ARG E 212 47.34 -30.10 -39.42
N GLY E 213 46.97 -28.97 -40.02
CA GLY E 213 47.48 -28.56 -41.31
C GLY E 213 46.45 -28.60 -42.43
N GLU E 214 45.38 -29.37 -42.26
CA GLU E 214 44.34 -29.46 -43.28
C GLU E 214 43.10 -28.66 -42.85
#